data_4TSN
#
_entry.id   4TSN
#
_cell.length_a   67.130
_cell.length_b   65.640
_cell.length_c   86.700
_cell.angle_alpha   90.00
_cell.angle_beta   101.06
_cell.angle_gamma   90.00
#
_symmetry.space_group_name_H-M   'P 1 21 1'
#
loop_
_entity.id
_entity.type
_entity.pdbx_description
1 polymer 'Fragaceatoxin C'
2 non-polymer PHOSPHOCHOLINE
3 non-polymer 'SULFATE ION'
4 non-polymer GLYCEROL
5 non-polymer 'ACETATE ION'
6 water water
#
_entity_poly.entity_id   1
_entity_poly.type   'polypeptide(L)'
_entity_poly.pdbx_seq_one_letter_code
;SADVAGAVIDGAGLGFDVLKTVLEALGNVKRKIAVGIDNESGKTWTAMNTYFRSGTSDIVLPHKVAHGKALLYNGQKNRG
PVATGVVGVIAYSMSDGNTLAVLFSVPYDYNWYSNWWNVRVYKGQKRADQRMYEELYYHRSPFRGDNGWHSRGLGYGLKS
RGFMNSSGHAILEIHVTKA
;
_entity_poly.pdbx_strand_id   A,B,C,D
#
loop_
_chem_comp.id
_chem_comp.type
_chem_comp.name
_chem_comp.formula
ACT non-polymer 'ACETATE ION' 'C2 H3 O2 -1'
GOL non-polymer GLYCEROL 'C3 H8 O3'
PC non-polymer PHOSPHOCHOLINE 'C5 H15 N O4 P 1'
SO4 non-polymer 'SULFATE ION' 'O4 S -2'
#
# COMPACT_ATOMS: atom_id res chain seq x y z
N ALA A 2 -6.80 -8.50 9.69
CA ALA A 2 -7.02 -7.09 10.07
C ALA A 2 -5.70 -6.37 9.86
N ASP A 3 -5.75 -5.06 9.73
CA ASP A 3 -4.53 -4.29 9.55
C ASP A 3 -3.72 -4.37 10.85
N VAL A 4 -2.40 -4.33 10.73
CA VAL A 4 -1.54 -4.49 11.90
C VAL A 4 -0.67 -3.26 12.13
N ALA A 5 -0.21 -3.09 13.37
CA ALA A 5 0.85 -2.10 13.67
C ALA A 5 2.01 -2.37 12.73
N GLY A 6 2.63 -1.29 12.22
CA GLY A 6 3.74 -1.43 11.28
C GLY A 6 3.34 -1.23 9.83
N ALA A 7 2.03 -1.37 9.54
CA ALA A 7 1.50 -1.22 8.19
C ALA A 7 1.27 0.25 7.86
N VAL A 8 1.31 0.52 6.55
CA VAL A 8 0.81 1.80 6.04
C VAL A 8 -0.45 1.47 5.27
N ILE A 9 -1.53 2.15 5.65
CA ILE A 9 -2.84 1.83 5.09
C ILE A 9 -3.44 3.04 4.37
N ASP A 10 -4.55 2.83 3.69
CA ASP A 10 -5.31 4.00 3.14
C ASP A 10 -5.68 4.90 4.31
N GLY A 11 -5.40 6.22 4.23
CA GLY A 11 -5.64 7.11 5.35
C GLY A 11 -7.15 7.20 5.70
N ALA A 12 -8.01 6.97 4.70
CA ALA A 12 -9.47 6.93 4.91
C ALA A 12 -9.91 5.69 5.73
N GLY A 13 -8.99 4.71 5.85
CA GLY A 13 -9.25 3.50 6.66
C GLY A 13 -8.89 3.65 8.12
N LEU A 14 -8.20 4.73 8.48
CA LEU A 14 -7.90 4.93 9.89
C LEU A 14 -9.15 5.28 10.70
N GLY A 15 -9.25 4.72 11.89
CA GLY A 15 -10.36 5.06 12.78
C GLY A 15 -10.25 4.26 14.03
N PHE A 16 -11.20 4.44 14.94
CA PHE A 16 -11.13 3.76 16.20
CA PHE A 16 -11.27 3.71 16.23
C PHE A 16 -11.13 2.21 16.02
N ASP A 17 -11.92 1.68 15.10
CA ASP A 17 -12.01 0.21 14.91
C ASP A 17 -10.64 -0.44 14.66
N VAL A 18 -9.89 0.15 13.74
CA VAL A 18 -8.61 -0.40 13.36
C VAL A 18 -7.66 -0.25 14.56
N LEU A 19 -7.69 0.89 15.23
CA LEU A 19 -6.75 1.12 16.37
C LEU A 19 -7.13 0.24 17.57
N LYS A 20 -8.41 -0.01 17.81
CA LYS A 20 -8.85 -0.93 18.86
CA LYS A 20 -8.75 -0.89 18.91
C LYS A 20 -8.24 -2.32 18.62
N THR A 21 -8.32 -2.76 17.36
CA THR A 21 -7.82 -4.08 16.99
C THR A 21 -6.29 -4.12 17.26
N VAL A 22 -5.58 -3.06 16.84
CA VAL A 22 -4.14 -3.01 17.05
C VAL A 22 -3.87 -3.08 18.57
N LEU A 23 -4.62 -2.30 19.34
CA LEU A 23 -4.41 -2.26 20.80
C LEU A 23 -4.70 -3.66 21.44
N GLU A 24 -5.77 -4.33 21.01
CA GLU A 24 -6.14 -5.67 21.54
CA GLU A 24 -6.11 -5.64 21.57
C GLU A 24 -5.06 -6.68 21.19
N ALA A 25 -4.37 -6.48 20.05
CA ALA A 25 -3.47 -7.54 19.56
C ALA A 25 -2.20 -7.62 20.44
N LEU A 26 -1.98 -6.61 21.27
CA LEU A 26 -0.85 -6.60 22.20
C LEU A 26 -1.13 -7.44 23.42
N GLY A 27 -2.36 -7.94 23.59
CA GLY A 27 -2.61 -8.88 24.69
C GLY A 27 -2.65 -8.17 26.05
N ASN A 28 -2.42 -8.97 27.10
CA ASN A 28 -2.55 -8.57 28.49
CA ASN A 28 -2.58 -8.51 28.47
C ASN A 28 -1.29 -7.88 28.95
N VAL A 29 -1.18 -6.62 28.65
CA VAL A 29 -0.13 -5.80 29.24
CA VAL A 29 -0.11 -5.75 29.17
C VAL A 29 -0.76 -4.52 29.80
N LYS A 30 -0.24 -4.13 30.97
CA LYS A 30 -0.93 -3.13 31.76
C LYS A 30 -1.03 -1.77 31.12
N ARG A 31 0.04 -1.38 30.42
CA ARG A 31 0.07 -0.09 29.73
C ARG A 31 0.52 -0.32 28.31
N LYS A 32 -0.28 0.17 27.37
CA LYS A 32 0.00 -0.08 25.94
C LYS A 32 -0.71 0.98 25.12
N ILE A 33 -0.23 1.21 23.90
CA ILE A 33 -0.84 2.21 23.07
C ILE A 33 -0.88 1.72 21.63
N ALA A 34 -1.97 2.04 20.94
CA ALA A 34 -2.06 1.94 19.49
C ALA A 34 -2.09 3.34 18.94
N VAL A 35 -1.22 3.59 17.92
CA VAL A 35 -1.05 4.96 17.38
C VAL A 35 -1.38 4.89 15.89
N GLY A 36 -2.25 5.78 15.43
CA GLY A 36 -2.50 5.88 13.96
C GLY A 36 -2.36 7.32 13.53
N ILE A 37 -1.55 7.59 12.47
CA ILE A 37 -1.35 9.00 12.03
C ILE A 37 -1.63 9.04 10.55
N ASP A 38 -2.65 9.84 10.17
CA ASP A 38 -3.07 9.90 8.79
C ASP A 38 -2.33 11.09 8.15
N ASN A 39 -1.58 10.85 7.08
CA ASN A 39 -0.85 11.89 6.36
C ASN A 39 -1.75 12.42 5.29
N GLU A 40 -2.41 13.57 5.48
CA GLU A 40 -3.08 14.25 4.36
C GLU A 40 -2.40 15.63 4.08
N SER A 41 -1.09 15.66 4.33
CA SER A 41 -0.30 16.90 4.23
C SER A 41 0.07 17.29 2.79
N GLY A 42 -0.15 16.42 1.79
CA GLY A 42 0.26 16.66 0.41
C GLY A 42 1.68 16.21 0.12
N LYS A 43 2.41 15.78 1.15
CA LYS A 43 3.81 15.41 1.02
C LYS A 43 4.18 14.15 1.78
N THR A 44 5.17 13.44 1.27
CA THR A 44 5.62 12.16 1.85
C THR A 44 6.40 12.32 3.14
N TRP A 45 6.14 11.46 4.13
CA TRP A 45 6.94 11.45 5.35
C TRP A 45 7.86 10.26 5.35
N THR A 46 9.05 10.42 5.91
CA THR A 46 10.05 9.35 5.99
C THR A 46 10.35 9.21 7.49
N ALA A 47 10.25 7.99 8.02
CA ALA A 47 10.43 7.84 9.50
C ALA A 47 11.86 8.11 9.90
N MET A 48 12.04 8.75 11.06
CA MET A 48 13.37 8.81 11.66
CA MET A 48 13.34 8.85 11.68
C MET A 48 13.39 7.86 12.86
N ASN A 49 12.71 8.20 13.93
CA ASN A 49 12.88 7.38 15.15
C ASN A 49 11.78 7.62 16.10
N THR A 50 11.66 6.69 17.03
CA THR A 50 10.85 6.95 18.25
C THR A 50 11.81 7.04 19.44
N TYR A 51 11.72 8.14 20.22
CA TYR A 51 12.39 8.25 21.52
C TYR A 51 11.42 7.68 22.57
N PHE A 52 11.73 6.51 23.09
CA PHE A 52 10.94 5.93 24.17
C PHE A 52 11.48 6.40 25.51
N ARG A 53 10.76 7.33 26.10
CA ARG A 53 11.04 7.74 27.49
C ARG A 53 10.71 6.62 28.47
N SER A 54 9.61 5.95 28.20
CA SER A 54 9.23 4.72 28.94
C SER A 54 8.64 3.74 27.91
N GLY A 55 8.95 2.45 28.11
CA GLY A 55 8.37 1.41 27.25
C GLY A 55 9.17 1.17 25.99
N THR A 56 8.57 0.39 25.08
CA THR A 56 9.30 -0.18 23.95
CA THR A 56 9.29 -0.22 23.98
C THR A 56 8.31 -0.51 22.84
N SER A 57 8.84 -0.80 21.67
CA SER A 57 8.00 -1.42 20.63
C SER A 57 8.76 -2.53 19.89
N ASP A 58 8.04 -3.56 19.45
CA ASP A 58 8.63 -4.59 18.58
C ASP A 58 8.20 -4.42 17.12
N ILE A 59 7.70 -3.23 16.81
CA ILE A 59 7.21 -2.88 15.44
C ILE A 59 8.19 -1.89 14.79
N VAL A 60 8.57 -2.15 13.55
CA VAL A 60 9.43 -1.21 12.83
C VAL A 60 8.60 0.05 12.54
N LEU A 61 9.13 1.24 12.91
CA LEU A 61 8.43 2.51 12.65
C LEU A 61 8.20 2.68 11.15
N PRO A 62 6.93 2.76 10.68
CA PRO A 62 6.70 2.60 9.23
C PRO A 62 7.53 3.60 8.41
N HIS A 63 8.26 3.10 7.42
CA HIS A 63 9.33 3.92 6.88
C HIS A 63 8.86 5.10 6.00
N LYS A 64 7.93 4.83 5.09
CA LYS A 64 7.48 5.83 4.12
C LYS A 64 5.98 5.90 4.17
N VAL A 65 5.49 7.12 4.31
CA VAL A 65 4.06 7.35 4.45
C VAL A 65 3.70 8.48 3.47
N ALA A 66 3.13 8.09 2.33
CA ALA A 66 2.78 9.01 1.28
C ALA A 66 1.55 9.77 1.66
N HIS A 67 1.33 10.90 1.01
CA HIS A 67 0.07 11.59 1.21
C HIS A 67 -1.09 10.69 0.80
N GLY A 68 -2.12 10.65 1.66
CA GLY A 68 -3.29 9.79 1.46
C GLY A 68 -3.20 8.49 2.24
N LYS A 69 -2.07 8.28 2.95
CA LYS A 69 -1.81 7.03 3.73
C LYS A 69 -1.79 7.36 5.20
N ALA A 70 -2.11 6.37 6.03
CA ALA A 70 -1.95 6.49 7.46
C ALA A 70 -0.94 5.42 7.91
N LEU A 71 -0.13 5.77 8.91
CA LEU A 71 0.69 4.73 9.55
C LEU A 71 -0.03 4.18 10.78
N LEU A 72 0.24 2.90 11.06
CA LEU A 72 -0.24 2.21 12.28
C LEU A 72 1.01 1.81 13.07
N TYR A 73 0.98 2.01 14.38
CA TYR A 73 2.15 1.73 15.19
C TYR A 73 1.68 1.34 16.61
N ASN A 74 2.57 0.88 17.45
CA ASN A 74 2.16 0.61 18.83
C ASN A 74 3.36 0.77 19.77
N GLY A 75 3.08 0.70 21.06
CA GLY A 75 4.12 0.64 22.09
C GLY A 75 3.58 -0.01 23.32
N GLN A 76 4.49 -0.49 24.16
CA GLN A 76 4.02 -1.17 25.35
C GLN A 76 5.00 -0.92 26.48
N LYS A 77 4.49 -0.99 27.69
CA LYS A 77 5.37 -0.84 28.85
C LYS A 77 6.52 -1.85 28.80
N ASN A 78 7.60 -1.48 29.45
CA ASN A 78 8.71 -2.44 29.64
C ASN A 78 8.20 -3.69 30.38
N ARG A 79 8.81 -4.80 30.04
CA ARG A 79 8.29 -6.10 30.50
C ARG A 79 8.51 -6.27 32.01
N GLY A 80 7.67 -7.07 32.67
CA GLY A 80 7.76 -7.26 34.13
C GLY A 80 6.90 -6.27 34.92
N PRO A 81 6.98 -6.31 36.28
CA PRO A 81 6.08 -5.45 37.07
C PRO A 81 6.45 -3.98 37.20
N VAL A 82 7.64 -3.55 36.70
CA VAL A 82 8.06 -2.13 36.76
C VAL A 82 6.89 -1.17 36.54
N ALA A 83 6.72 -0.25 37.49
CA ALA A 83 5.61 0.67 37.47
C ALA A 83 5.93 1.87 36.57
N THR A 84 6.08 1.59 35.29
CA THR A 84 6.29 2.66 34.27
C THR A 84 5.37 2.38 33.09
N GLY A 85 5.17 3.38 32.26
CA GLY A 85 4.15 3.27 31.26
C GLY A 85 4.75 3.24 29.86
N VAL A 86 4.08 3.92 28.95
CA VAL A 86 4.58 3.99 27.57
CA VAL A 86 4.57 4.01 27.55
C VAL A 86 4.55 5.47 27.17
N VAL A 87 5.74 6.04 26.98
CA VAL A 87 5.85 7.49 26.89
C VAL A 87 6.94 7.76 25.86
N GLY A 88 6.68 8.69 24.92
CA GLY A 88 7.73 8.85 23.92
C GLY A 88 7.36 9.91 22.88
N VAL A 89 8.26 10.09 21.93
CA VAL A 89 8.03 11.03 20.82
C VAL A 89 8.44 10.32 19.53
N ILE A 90 7.51 10.32 18.58
CA ILE A 90 7.74 9.82 17.22
C ILE A 90 8.18 10.98 16.34
N ALA A 91 9.23 10.80 15.52
CA ALA A 91 9.72 11.92 14.65
C ALA A 91 9.80 11.39 13.20
N TYR A 92 9.05 12.04 12.31
CA TYR A 92 9.12 11.80 10.83
C TYR A 92 9.73 13.01 10.15
N SER A 93 10.59 12.78 9.16
CA SER A 93 11.07 13.84 8.27
CA SER A 93 11.04 13.88 8.33
CA SER A 93 11.06 13.83 8.28
C SER A 93 10.01 14.14 7.20
N MET A 94 9.80 15.43 6.92
CA MET A 94 8.92 15.84 5.82
C MET A 94 9.78 16.30 4.66
N SER A 95 9.19 16.24 3.47
CA SER A 95 9.98 16.47 2.27
C SER A 95 10.37 17.96 2.17
N ASP A 96 9.82 18.83 3.01
CA ASP A 96 10.22 20.26 3.01
C ASP A 96 11.44 20.48 3.91
N GLY A 97 11.93 19.41 4.52
CA GLY A 97 13.16 19.52 5.31
C GLY A 97 12.90 19.72 6.78
N ASN A 98 11.62 19.74 7.15
CA ASN A 98 11.22 19.86 8.56
C ASN A 98 10.77 18.56 9.18
N THR A 99 10.48 18.59 10.46
CA THR A 99 10.22 17.35 11.20
C THR A 99 8.84 17.36 11.83
N LEU A 100 8.05 16.31 11.58
CA LEU A 100 6.79 16.13 12.31
C LEU A 100 7.03 15.31 13.58
N ALA A 101 6.66 15.82 14.75
CA ALA A 101 6.89 15.17 16.03
C ALA A 101 5.58 14.95 16.71
N VAL A 102 5.43 13.76 17.25
CA VAL A 102 4.20 13.41 17.95
C VAL A 102 4.59 12.87 19.33
N LEU A 103 4.09 13.51 20.37
CA LEU A 103 4.23 13.02 21.78
C LEU A 103 3.08 12.12 22.16
N PHE A 104 3.41 11.01 22.83
CA PHE A 104 2.40 10.26 23.55
C PHE A 104 2.89 10.01 24.97
N SER A 105 1.97 10.07 25.92
CA SER A 105 2.34 9.68 27.31
C SER A 105 1.18 8.88 27.91
N VAL A 106 1.44 7.60 28.27
CA VAL A 106 0.47 6.74 28.95
C VAL A 106 1.15 6.29 30.23
N PRO A 107 0.93 7.02 31.31
CA PRO A 107 1.70 6.81 32.53
C PRO A 107 1.29 5.53 33.27
N TYR A 108 2.22 5.03 34.09
CA TYR A 108 1.84 3.92 34.96
C TYR A 108 0.80 4.30 35.99
N ASP A 109 1.05 5.42 36.68
CA ASP A 109 0.27 5.71 37.85
C ASP A 109 -0.72 6.85 37.63
N TYR A 110 -2.00 6.52 37.48
CA TYR A 110 -3.00 7.57 37.27
C TYR A 110 -3.36 8.31 38.54
N ASN A 111 -2.83 7.89 39.71
CA ASN A 111 -2.98 8.73 40.88
C ASN A 111 -2.18 10.04 40.81
N TRP A 112 -1.14 10.06 39.99
CA TRP A 112 -0.25 11.21 39.89
C TRP A 112 -0.28 11.85 38.53
N TYR A 113 -0.48 11.05 37.47
CA TYR A 113 -0.29 11.57 36.09
C TYR A 113 -1.47 11.19 35.22
N SER A 114 -1.53 11.72 34.02
CA SER A 114 -2.60 11.41 33.08
C SER A 114 -2.04 11.16 31.70
N ASN A 115 -2.93 10.71 30.82
CA ASN A 115 -2.56 10.57 29.40
C ASN A 115 -2.45 11.96 28.80
N TRP A 116 -1.44 12.16 27.94
CA TRP A 116 -1.23 13.41 27.20
C TRP A 116 -0.73 13.07 25.80
N TRP A 117 -0.96 13.96 24.86
CA TRP A 117 -0.28 13.84 23.56
C TRP A 117 -0.04 15.19 22.98
N ASN A 118 0.76 15.25 21.90
CA ASN A 118 0.98 16.55 21.32
C ASN A 118 1.48 16.30 19.91
N VAL A 119 1.40 17.32 19.10
CA VAL A 119 1.90 17.28 17.70
CA VAL A 119 1.94 17.26 17.74
C VAL A 119 2.53 18.61 17.38
N ARG A 120 3.71 18.62 16.78
CA ARG A 120 4.37 19.88 16.46
C ARG A 120 5.31 19.70 15.24
N VAL A 121 5.43 20.71 14.40
CA VAL A 121 6.44 20.70 13.37
C VAL A 121 7.66 21.45 13.92
N TYR A 122 8.81 20.78 13.84
CA TYR A 122 10.09 21.39 14.16
C TYR A 122 10.82 21.79 12.88
N LYS A 123 11.46 22.95 12.94
CA LYS A 123 12.28 23.40 11.81
C LYS A 123 13.50 22.45 11.66
N GLY A 124 13.77 21.99 10.44
CA GLY A 124 14.98 21.21 10.17
C GLY A 124 14.71 19.73 10.51
N GLN A 125 15.76 18.93 10.43
CA GLN A 125 15.70 17.49 10.63
CA GLN A 125 15.70 17.49 10.65
C GLN A 125 16.15 17.24 12.06
N LYS A 126 15.19 16.87 12.93
CA LYS A 126 15.49 16.74 14.36
C LYS A 126 15.03 15.36 14.80
N ARG A 127 15.96 14.54 15.26
CA ARG A 127 15.56 13.23 15.82
C ARG A 127 14.85 13.44 17.16
N ALA A 128 13.89 12.56 17.42
CA ALA A 128 13.19 12.55 18.71
C ALA A 128 14.22 12.25 19.80
N ASP A 129 14.18 13.00 20.93
CA ASP A 129 15.11 12.75 22.05
C ASP A 129 14.49 13.32 23.35
N GLN A 130 15.20 13.18 24.49
CA GLN A 130 14.66 13.65 25.75
C GLN A 130 14.31 15.14 25.71
N ARG A 131 15.15 15.98 25.08
CA ARG A 131 14.86 17.40 25.03
C ARG A 131 13.52 17.65 24.35
N MET A 132 13.27 16.92 23.26
CA MET A 132 12.04 17.15 22.51
C MET A 132 10.84 16.68 23.31
N TYR A 133 11.00 15.51 23.95
CA TYR A 133 9.98 15.03 24.90
C TYR A 133 9.69 16.11 25.97
N GLU A 134 10.73 16.67 26.61
CA GLU A 134 10.49 17.69 27.67
C GLU A 134 9.75 18.93 27.11
N GLU A 135 10.12 19.34 25.89
CA GLU A 135 9.45 20.49 25.31
C GLU A 135 7.99 20.18 25.08
N LEU A 136 7.70 19.04 24.48
CA LEU A 136 6.30 18.73 24.07
C LEU A 136 5.40 18.44 25.26
N TYR A 137 6.01 17.86 26.28
CA TYR A 137 5.20 17.45 27.47
C TYR A 137 5.04 18.59 28.46
N TYR A 138 6.11 19.34 28.71
CA TYR A 138 6.06 20.40 29.72
C TYR A 138 5.75 21.80 29.25
N HIS A 139 6.12 22.09 28.02
CA HIS A 139 6.16 23.52 27.59
C HIS A 139 5.35 23.89 26.38
N ARG A 140 4.89 22.90 25.64
CA ARG A 140 4.23 23.20 24.36
C ARG A 140 2.79 22.86 24.34
N SER A 141 2.13 22.95 25.51
CA SER A 141 0.68 22.83 25.57
C SER A 141 0.12 21.50 24.99
N PRO A 142 0.53 20.35 25.57
CA PRO A 142 -0.03 19.09 25.13
C PRO A 142 -1.55 19.02 25.45
N PHE A 143 -2.20 18.13 24.70
CA PHE A 143 -3.63 17.88 24.92
C PHE A 143 -3.77 16.73 25.86
N ARG A 144 -4.70 16.82 26.78
CA ARG A 144 -5.01 15.68 27.63
C ARG A 144 -5.66 14.58 26.81
N GLY A 145 -5.31 13.34 27.09
CA GLY A 145 -6.13 12.22 26.59
C GLY A 145 -7.39 12.19 27.40
N ASP A 146 -8.42 12.87 26.89
CA ASP A 146 -9.65 13.14 27.62
C ASP A 146 -10.89 12.61 26.89
N ASN A 147 -10.65 11.61 26.01
CA ASN A 147 -11.76 10.99 25.25
C ASN A 147 -12.45 12.05 24.35
N GLY A 148 -11.67 13.07 23.93
CA GLY A 148 -12.23 14.10 23.06
C GLY A 148 -11.22 14.46 21.98
N TRP A 149 -11.73 15.13 20.94
CA TRP A 149 -10.93 15.56 19.83
C TRP A 149 -10.40 16.95 20.06
N HIS A 150 -9.19 17.20 19.53
CA HIS A 150 -8.56 18.54 19.63
C HIS A 150 -7.90 18.92 18.34
N SER A 151 -8.06 20.17 17.95
CA SER A 151 -7.49 20.66 16.69
C SER A 151 -6.44 21.71 17.01
N ARG A 152 -5.45 21.86 16.13
CA ARG A 152 -4.49 22.95 16.27
C ARG A 152 -3.75 23.14 14.97
N GLY A 153 -3.59 24.39 14.58
CA GLY A 153 -2.76 24.70 13.38
C GLY A 153 -1.30 24.50 13.75
N LEU A 154 -0.52 23.99 12.78
CA LEU A 154 0.89 23.58 13.06
C LEU A 154 1.88 24.57 12.44
N GLY A 155 1.39 25.60 11.75
CA GLY A 155 2.30 26.36 10.86
C GLY A 155 2.66 25.47 9.66
N TYR A 156 3.50 25.98 8.77
CA TYR A 156 4.04 25.22 7.64
C TYR A 156 2.95 24.71 6.70
N GLY A 157 1.86 25.45 6.65
CA GLY A 157 0.70 25.09 5.81
C GLY A 157 -0.10 23.88 6.31
N LEU A 158 0.06 23.46 7.57
CA LEU A 158 -0.58 22.21 8.09
C LEU A 158 -1.44 22.43 9.34
N LYS A 159 -2.36 21.48 9.61
CA LYS A 159 -3.12 21.52 10.83
C LYS A 159 -3.30 20.10 11.29
N SER A 160 -3.66 19.94 12.55
CA SER A 160 -3.76 18.61 13.18
C SER A 160 -5.11 18.48 13.84
N ARG A 161 -5.66 17.26 13.86
CA ARG A 161 -6.90 17.01 14.60
C ARG A 161 -6.66 15.62 15.18
N GLY A 162 -6.79 15.47 16.50
CA GLY A 162 -6.44 14.17 17.07
C GLY A 162 -7.31 13.86 18.27
N PHE A 163 -7.23 12.59 18.68
CA PHE A 163 -8.07 12.08 19.78
C PHE A 163 -7.21 11.10 20.58
N MET A 164 -7.34 11.14 21.91
CA MET A 164 -6.71 10.10 22.71
C MET A 164 -7.69 9.82 23.86
N ASN A 165 -7.81 8.55 24.24
CA ASN A 165 -8.62 8.20 25.38
C ASN A 165 -7.82 8.39 26.67
N SER A 166 -8.47 8.08 27.78
CA SER A 166 -7.94 8.45 29.10
C SER A 166 -7.27 7.29 29.86
N SER A 167 -7.43 6.08 29.37
CA SER A 167 -7.02 4.91 30.16
C SER A 167 -5.67 4.37 29.71
N GLY A 168 -5.19 3.36 30.46
CA GLY A 168 -3.84 2.83 30.22
C GLY A 168 -3.77 1.84 29.06
N HIS A 169 -4.91 1.46 28.49
CA HIS A 169 -4.95 0.81 27.17
C HIS A 169 -5.37 1.91 26.20
N ALA A 170 -4.36 2.54 25.63
CA ALA A 170 -4.57 3.89 25.01
C ALA A 170 -4.63 3.77 23.48
N ILE A 171 -5.52 4.62 22.90
CA ILE A 171 -5.50 4.82 21.43
CA ILE A 171 -5.62 4.82 21.48
C ILE A 171 -5.27 6.29 21.18
N LEU A 172 -4.45 6.53 20.18
CA LEU A 172 -4.10 7.90 19.78
C LEU A 172 -4.27 7.97 18.28
N GLU A 173 -5.23 8.77 17.81
CA GLU A 173 -5.54 8.87 16.40
C GLU A 173 -5.35 10.31 16.00
N ILE A 174 -4.48 10.52 15.00
CA ILE A 174 -4.10 11.90 14.58
C ILE A 174 -4.24 12.01 13.06
N HIS A 175 -4.86 13.10 12.61
CA HIS A 175 -4.93 13.43 11.19
C HIS A 175 -4.20 14.73 10.95
N VAL A 176 -3.22 14.74 10.01
CA VAL A 176 -2.49 15.97 9.68
C VAL A 176 -2.91 16.32 8.28
N THR A 177 -3.52 17.51 8.16
CA THR A 177 -4.13 17.90 6.91
C THR A 177 -3.58 19.28 6.48
N LYS A 178 -3.74 19.61 5.21
CA LYS A 178 -3.27 20.88 4.73
C LYS A 178 -4.20 21.92 5.22
N ALA A 179 -3.65 23.00 5.73
CA ALA A 179 -4.49 24.05 6.25
C ALA A 179 -4.92 25.03 5.15
N ALA B 2 -22.35 8.60 17.68
CA ALA B 2 -21.75 8.29 16.35
C ALA B 2 -22.20 9.40 15.40
N ASP B 3 -21.59 9.47 14.21
CA ASP B 3 -21.96 10.49 13.26
C ASP B 3 -22.97 9.90 12.28
N VAL B 4 -24.08 10.61 12.05
CA VAL B 4 -25.16 10.06 11.22
C VAL B 4 -25.29 10.83 9.93
N ALA B 5 -25.89 10.20 8.90
CA ALA B 5 -26.35 10.90 7.71
C ALA B 5 -27.13 12.17 8.15
N GLY B 6 -26.81 13.26 7.47
CA GLY B 6 -27.41 14.57 7.77
C GLY B 6 -26.53 15.45 8.61
N ALA B 7 -25.56 14.86 9.29
CA ALA B 7 -24.64 15.66 10.16
C ALA B 7 -23.59 16.42 9.35
N VAL B 8 -23.12 17.51 9.95
CA VAL B 8 -21.89 18.20 9.48
C VAL B 8 -20.86 17.97 10.58
N ILE B 9 -19.68 17.47 10.18
CA ILE B 9 -18.69 17.03 11.17
C ILE B 9 -17.34 17.66 10.80
N ASP B 10 -16.36 17.59 11.70
CA ASP B 10 -15.02 18.01 11.33
C ASP B 10 -14.54 17.26 10.10
N GLY B 11 -13.90 17.96 9.16
CA GLY B 11 -13.64 17.35 7.86
C GLY B 11 -12.69 16.17 8.01
N ALA B 12 -11.78 16.27 8.98
CA ALA B 12 -10.85 15.19 9.22
C ALA B 12 -11.53 13.93 9.85
N GLY B 13 -12.78 14.05 10.31
CA GLY B 13 -13.57 12.91 10.84
C GLY B 13 -14.28 12.06 9.78
N LEU B 14 -14.19 12.50 8.53
CA LEU B 14 -14.75 11.73 7.44
C LEU B 14 -13.74 10.66 7.03
N GLY B 15 -14.18 9.39 7.03
CA GLY B 15 -13.35 8.28 6.56
C GLY B 15 -14.29 7.17 6.12
N PHE B 16 -13.70 6.01 5.77
CA PHE B 16 -14.54 4.94 5.25
C PHE B 16 -15.48 4.35 6.31
N ASP B 17 -15.00 4.22 7.55
CA ASP B 17 -15.81 3.58 8.63
C ASP B 17 -17.09 4.36 8.86
N VAL B 18 -16.98 5.68 8.90
CA VAL B 18 -18.12 6.59 9.11
C VAL B 18 -19.17 6.30 8.02
N LEU B 19 -18.71 6.16 6.79
CA LEU B 19 -19.63 5.93 5.63
C LEU B 19 -20.21 4.50 5.67
N LYS B 20 -19.39 3.53 6.06
CA LYS B 20 -19.93 2.16 6.19
C LYS B 20 -21.05 2.10 7.26
N THR B 21 -20.87 2.87 8.33
CA THR B 21 -21.87 2.89 9.42
C THR B 21 -23.15 3.56 8.89
N VAL B 22 -23.00 4.64 8.14
CA VAL B 22 -24.16 5.28 7.50
C VAL B 22 -24.87 4.30 6.57
N LEU B 23 -24.12 3.53 5.78
CA LEU B 23 -24.69 2.45 4.96
C LEU B 23 -25.46 1.41 5.76
N GLU B 24 -24.86 0.97 6.87
CA GLU B 24 -25.46 -0.06 7.71
C GLU B 24 -26.79 0.44 8.32
N ALA B 25 -26.85 1.72 8.71
CA ALA B 25 -28.05 2.33 9.30
C ALA B 25 -29.26 2.36 8.33
N LEU B 26 -29.02 2.24 7.03
CA LEU B 26 -30.14 2.08 6.05
C LEU B 26 -30.77 0.69 6.05
N GLY B 27 -30.13 -0.28 6.68
CA GLY B 27 -30.74 -1.59 6.84
C GLY B 27 -30.76 -2.35 5.52
N ASN B 28 -31.68 -3.30 5.42
CA ASN B 28 -31.72 -4.22 4.33
C ASN B 28 -32.36 -3.62 3.07
N VAL B 29 -31.59 -2.88 2.30
CA VAL B 29 -32.05 -2.39 1.00
C VAL B 29 -31.03 -2.74 -0.06
N LYS B 30 -31.50 -3.07 -1.23
CA LYS B 30 -30.65 -3.63 -2.23
C LYS B 30 -29.61 -2.66 -2.81
N ARG B 31 -30.03 -1.40 -3.00
CA ARG B 31 -29.15 -0.35 -3.57
C ARG B 31 -29.26 0.83 -2.63
N LYS B 32 -28.13 1.29 -2.16
CA LYS B 32 -28.08 2.38 -1.18
C LYS B 32 -26.68 2.99 -1.30
N ILE B 33 -26.58 4.27 -0.88
CA ILE B 33 -25.27 4.97 -0.89
C ILE B 33 -25.11 5.77 0.40
N ALA B 34 -23.86 5.84 0.90
CA ALA B 34 -23.44 6.80 1.92
C ALA B 34 -22.47 7.74 1.25
N VAL B 35 -22.78 9.06 1.34
CA VAL B 35 -21.94 10.08 0.71
C VAL B 35 -21.30 10.96 1.78
N GLY B 36 -19.99 11.18 1.65
CA GLY B 36 -19.33 12.13 2.55
C GLY B 36 -18.57 13.11 1.68
N ILE B 37 -18.77 14.42 1.91
CA ILE B 37 -18.02 15.41 1.08
C ILE B 37 -17.30 16.35 2.05
N ASP B 38 -15.95 16.40 1.94
CA ASP B 38 -15.14 17.14 2.90
C ASP B 38 -14.79 18.48 2.22
N ASN B 39 -15.28 19.57 2.81
CA ASN B 39 -15.05 20.90 2.31
C ASN B 39 -13.76 21.49 2.86
N GLU B 40 -12.65 21.39 2.08
CA GLU B 40 -11.43 22.09 2.46
C GLU B 40 -11.14 23.15 1.40
N SER B 41 -12.21 23.73 0.87
CA SER B 41 -12.11 24.69 -0.25
C SER B 41 -11.82 26.11 0.13
N GLY B 42 -11.85 26.43 1.43
CA GLY B 42 -11.75 27.82 1.87
C GLY B 42 -13.03 28.63 1.78
N LYS B 43 -14.12 28.06 1.23
CA LYS B 43 -15.39 28.81 1.23
C LYS B 43 -16.48 28.03 1.88
N THR B 44 -17.46 28.76 2.34
CA THR B 44 -18.63 28.14 2.96
C THR B 44 -19.53 27.64 1.84
N TRP B 45 -20.12 26.46 2.05
CA TRP B 45 -21.13 25.94 1.10
C TRP B 45 -22.48 25.97 1.72
N THR B 46 -23.50 26.18 0.89
CA THR B 46 -24.90 26.25 1.37
C THR B 46 -25.64 25.29 0.46
N ALA B 47 -26.38 24.30 1.04
CA ALA B 47 -27.08 23.32 0.20
C ALA B 47 -28.18 23.96 -0.63
N MET B 48 -28.20 23.53 -1.91
CA MET B 48 -29.37 23.81 -2.74
CA MET B 48 -29.36 23.79 -2.75
C MET B 48 -30.27 22.56 -2.77
N ASN B 49 -29.93 21.53 -3.53
CA ASN B 49 -30.86 20.43 -3.70
C ASN B 49 -30.13 19.19 -4.16
N THR B 50 -30.83 18.05 -4.10
CA THR B 50 -30.41 16.84 -4.79
C THR B 50 -31.45 16.50 -5.85
N TYR B 51 -30.99 16.28 -7.08
CA TYR B 51 -31.86 15.77 -8.09
C TYR B 51 -31.70 14.22 -8.10
N PHE B 52 -32.77 13.50 -7.72
CA PHE B 52 -32.74 12.03 -7.79
C PHE B 52 -33.26 11.57 -9.15
N ARG B 53 -32.33 11.14 -10.01
CA ARG B 53 -32.71 10.44 -11.23
C ARG B 53 -33.37 9.08 -10.89
N SER B 54 -32.76 8.39 -9.91
CA SER B 54 -33.40 7.12 -9.35
C SER B 54 -33.21 7.21 -7.82
N GLY B 55 -34.23 6.75 -7.10
CA GLY B 55 -34.02 6.60 -5.64
C GLY B 55 -34.51 7.83 -4.90
N THR B 56 -34.24 7.88 -3.60
CA THR B 56 -34.84 8.87 -2.70
C THR B 56 -33.89 9.03 -1.50
N SER B 57 -34.11 10.08 -0.69
CA SER B 57 -33.48 10.14 0.61
C SER B 57 -34.48 10.72 1.61
N ASP B 58 -34.39 10.26 2.87
CA ASP B 58 -35.17 10.83 3.97
C ASP B 58 -34.30 11.66 4.89
N ILE B 59 -33.14 12.07 4.37
CA ILE B 59 -32.22 12.92 5.14
C ILE B 59 -32.24 14.34 4.53
N VAL B 60 -32.31 15.35 5.38
CA VAL B 60 -32.24 16.72 4.93
C VAL B 60 -30.80 16.95 4.39
N LEU B 61 -30.67 17.48 3.16
CA LEU B 61 -29.32 17.78 2.61
C LEU B 61 -28.68 18.82 3.57
N PRO B 62 -27.51 18.51 4.16
CA PRO B 62 -26.98 19.38 5.25
C PRO B 62 -26.82 20.82 4.79
N HIS B 63 -27.44 21.73 5.52
CA HIS B 63 -27.64 23.06 4.98
C HIS B 63 -26.40 23.90 4.85
N LYS B 64 -25.55 23.90 5.87
CA LYS B 64 -24.40 24.79 5.84
C LYS B 64 -23.14 24.00 6.15
N VAL B 65 -22.14 24.12 5.25
CA VAL B 65 -20.90 23.33 5.43
C VAL B 65 -19.71 24.29 5.35
N ALA B 66 -19.22 24.71 6.51
CA ALA B 66 -18.12 25.64 6.55
C ALA B 66 -16.83 24.96 6.06
N HIS B 67 -15.88 25.79 5.67
CA HIS B 67 -14.53 25.28 5.41
C HIS B 67 -14.04 24.49 6.59
N GLY B 68 -13.41 23.34 6.31
CA GLY B 68 -12.88 22.48 7.37
C GLY B 68 -13.91 21.47 7.89
N LYS B 69 -15.14 21.50 7.35
CA LYS B 69 -16.20 20.51 7.75
C LYS B 69 -16.54 19.59 6.59
N ALA B 70 -17.09 18.41 6.92
CA ALA B 70 -17.57 17.44 5.93
C ALA B 70 -19.05 17.19 6.20
N LEU B 71 -19.80 17.04 5.12
CA LEU B 71 -21.21 16.69 5.24
C LEU B 71 -21.35 15.17 5.06
N LEU B 72 -22.30 14.56 5.77
CA LEU B 72 -22.66 13.15 5.60
C LEU B 72 -24.10 13.12 5.05
N TYR B 73 -24.34 12.19 4.11
CA TYR B 73 -25.64 12.14 3.45
C TYR B 73 -25.88 10.71 2.98
N ASN B 74 -27.11 10.39 2.58
CA ASN B 74 -27.35 9.04 2.08
C ASN B 74 -28.48 9.09 1.04
N GLY B 75 -28.60 7.99 0.32
CA GLY B 75 -29.76 7.74 -0.54
C GLY B 75 -30.05 6.27 -0.64
N GLN B 76 -31.25 5.94 -1.11
CA GLN B 76 -31.60 4.53 -1.24
C GLN B 76 -32.52 4.39 -2.44
N LYS B 77 -32.60 3.19 -2.97
CA LYS B 77 -33.52 2.94 -4.10
C LYS B 77 -34.97 3.18 -3.67
N ASN B 78 -35.82 3.50 -4.64
CA ASN B 78 -37.24 3.60 -4.33
C ASN B 78 -37.70 2.27 -3.80
N ARG B 79 -38.65 2.32 -2.88
CA ARG B 79 -39.14 1.14 -2.20
C ARG B 79 -40.01 0.29 -3.12
N GLY B 80 -39.96 -1.01 -2.88
CA GLY B 80 -40.82 -1.92 -3.60
C GLY B 80 -39.91 -2.64 -4.57
N PRO B 81 -40.52 -3.45 -5.47
CA PRO B 81 -39.68 -4.34 -6.29
C PRO B 81 -39.06 -3.65 -7.53
N VAL B 82 -39.34 -2.35 -7.72
CA VAL B 82 -38.80 -1.62 -8.87
C VAL B 82 -37.30 -1.90 -8.98
N ALA B 83 -36.87 -2.25 -10.17
CA ALA B 83 -35.51 -2.68 -10.42
C ALA B 83 -34.69 -1.46 -10.85
N THR B 84 -34.56 -0.53 -9.91
CA THR B 84 -33.83 0.72 -10.13
C THR B 84 -32.88 0.98 -8.96
N GLY B 85 -31.96 1.90 -9.17
CA GLY B 85 -30.92 2.11 -8.14
C GLY B 85 -30.98 3.44 -7.46
N VAL B 86 -29.81 4.01 -7.18
CA VAL B 86 -29.81 5.31 -6.60
CA VAL B 86 -29.72 5.30 -6.51
C VAL B 86 -28.81 6.15 -7.38
N VAL B 87 -29.38 7.18 -8.01
CA VAL B 87 -28.65 7.90 -9.07
C VAL B 87 -29.06 9.37 -8.94
N GLY B 88 -28.11 10.28 -8.87
CA GLY B 88 -28.51 11.65 -8.71
C GLY B 88 -27.34 12.62 -8.67
N VAL B 89 -27.68 13.91 -8.47
CA VAL B 89 -26.69 14.98 -8.41
C VAL B 89 -27.00 15.84 -7.20
N ILE B 90 -26.00 16.10 -6.37
CA ILE B 90 -26.09 17.00 -5.23
C ILE B 90 -25.48 18.34 -5.64
N ALA B 91 -26.18 19.44 -5.36
CA ALA B 91 -25.67 20.79 -5.67
C ALA B 91 -25.62 21.65 -4.44
N TYR B 92 -24.42 22.24 -4.22
CA TYR B 92 -24.16 23.20 -3.12
C TYR B 92 -23.77 24.52 -3.70
N SER B 93 -24.33 25.62 -3.19
CA SER B 93 -23.82 26.92 -3.59
CA SER B 93 -23.83 26.95 -3.56
CA SER B 93 -23.85 26.96 -3.55
C SER B 93 -22.57 27.22 -2.76
N MET B 94 -21.56 27.81 -3.42
CA MET B 94 -20.35 28.18 -2.65
C MET B 94 -20.31 29.70 -2.52
N SER B 95 -19.54 30.21 -1.55
CA SER B 95 -19.63 31.60 -1.23
C SER B 95 -19.05 32.54 -2.30
N ASP B 96 -18.38 31.97 -3.31
CA ASP B 96 -17.91 32.76 -4.46
C ASP B 96 -19.03 32.94 -5.51
N GLY B 97 -20.23 32.41 -5.26
CA GLY B 97 -21.36 32.49 -6.18
C GLY B 97 -21.39 31.37 -7.23
N ASN B 98 -20.53 30.38 -7.07
CA ASN B 98 -20.52 29.22 -7.97
C ASN B 98 -21.13 28.02 -7.30
N THR B 99 -21.24 26.91 -8.04
CA THR B 99 -21.99 25.73 -7.57
C THR B 99 -21.08 24.54 -7.58
N LEU B 100 -21.03 23.79 -6.48
CA LEU B 100 -20.32 22.52 -6.47
C LEU B 100 -21.33 21.41 -6.71
N ALA B 101 -21.13 20.59 -7.77
CA ALA B 101 -22.08 19.51 -8.13
C ALA B 101 -21.38 18.16 -8.00
N VAL B 102 -22.07 17.20 -7.39
CA VAL B 102 -21.50 15.85 -7.26
C VAL B 102 -22.53 14.90 -7.85
N LEU B 103 -22.09 14.08 -8.80
CA LEU B 103 -22.93 13.00 -9.37
C LEU B 103 -22.61 11.71 -8.62
N PHE B 104 -23.64 10.89 -8.37
CA PHE B 104 -23.43 9.46 -7.96
C PHE B 104 -24.37 8.61 -8.81
N SER B 105 -23.96 7.40 -9.16
CA SER B 105 -24.84 6.46 -9.87
C SER B 105 -24.53 5.09 -9.36
N VAL B 106 -25.51 4.48 -8.74
CA VAL B 106 -25.39 3.11 -8.21
C VAL B 106 -26.54 2.37 -8.89
N PRO B 107 -26.27 1.72 -10.04
CA PRO B 107 -27.37 1.18 -10.85
C PRO B 107 -27.95 -0.11 -10.28
N TYR B 108 -29.17 -0.45 -10.69
CA TYR B 108 -29.71 -1.73 -10.24
C TYR B 108 -29.05 -2.91 -10.94
N ASP B 109 -28.86 -2.81 -12.26
CA ASP B 109 -28.40 -3.98 -13.03
C ASP B 109 -26.94 -3.86 -13.48
N TYR B 110 -26.02 -4.55 -12.78
CA TYR B 110 -24.60 -4.50 -13.08
C TYR B 110 -24.22 -5.24 -14.37
N ASN B 111 -25.17 -5.97 -14.94
CA ASN B 111 -24.96 -6.57 -16.24
C ASN B 111 -24.86 -5.52 -17.33
N TRP B 112 -25.49 -4.37 -17.07
CA TRP B 112 -25.61 -3.33 -18.08
CA TRP B 112 -25.66 -3.30 -18.05
C TRP B 112 -24.87 -2.06 -17.72
N TYR B 113 -24.82 -1.73 -16.42
CA TYR B 113 -24.25 -0.47 -15.97
C TYR B 113 -23.31 -0.69 -14.79
N SER B 114 -22.56 0.37 -14.49
CA SER B 114 -21.57 0.28 -13.41
C SER B 114 -21.74 1.45 -12.46
N ASN B 115 -21.05 1.44 -11.31
CA ASN B 115 -21.04 2.63 -10.44
C ASN B 115 -20.22 3.76 -11.09
N TRP B 116 -20.68 5.01 -10.96
CA TRP B 116 -19.96 6.20 -11.41
C TRP B 116 -20.13 7.31 -10.45
N TRP B 117 -19.19 8.23 -10.47
CA TRP B 117 -19.37 9.47 -9.74
C TRP B 117 -18.68 10.59 -10.45
N ASN B 118 -18.99 11.82 -10.05
CA ASN B 118 -18.32 12.97 -10.72
C ASN B 118 -18.40 14.14 -9.78
N VAL B 119 -17.51 15.10 -9.98
CA VAL B 119 -17.51 16.34 -9.18
CA VAL B 119 -17.58 16.32 -9.20
C VAL B 119 -17.17 17.46 -10.15
N ARG B 120 -17.93 18.55 -10.14
CA ARG B 120 -17.60 19.64 -11.04
C ARG B 120 -18.03 20.97 -10.40
N VAL B 121 -17.33 22.08 -10.64
CA VAL B 121 -17.84 23.38 -10.28
C VAL B 121 -18.50 23.99 -11.53
N TYR B 122 -19.74 24.41 -11.36
CA TYR B 122 -20.46 25.20 -12.35
C TYR B 122 -20.36 26.68 -12.02
N LYS B 123 -20.24 27.47 -13.07
CA LYS B 123 -20.29 28.92 -12.90
C LYS B 123 -21.70 29.38 -12.49
N GLY B 124 -21.79 30.21 -11.44
CA GLY B 124 -23.07 30.78 -11.04
C GLY B 124 -23.84 29.75 -10.20
N GLN B 125 -25.12 30.04 -9.97
CA GLN B 125 -25.97 29.31 -9.01
C GLN B 125 -26.83 28.42 -9.89
N LYS B 126 -26.60 27.11 -9.85
CA LYS B 126 -27.33 26.17 -10.74
C LYS B 126 -27.88 25.04 -9.89
N ARG B 127 -29.20 24.89 -9.82
CA ARG B 127 -29.77 23.74 -9.10
CA ARG B 127 -29.78 23.76 -9.11
C ARG B 127 -29.54 22.45 -9.87
N ALA B 128 -29.44 21.35 -9.13
CA ALA B 128 -29.30 20.03 -9.74
C ALA B 128 -30.62 19.68 -10.43
N ASP B 129 -30.53 19.12 -11.66
CA ASP B 129 -31.72 18.72 -12.46
C ASP B 129 -31.28 17.65 -13.47
N GLN B 130 -32.20 17.18 -14.28
CA GLN B 130 -31.88 16.13 -15.25
C GLN B 130 -30.78 16.58 -16.23
N ARG B 131 -30.82 17.84 -16.63
CA ARG B 131 -29.78 18.30 -17.61
C ARG B 131 -28.41 18.22 -16.94
N MET B 132 -28.32 18.58 -15.65
CA MET B 132 -27.02 18.52 -14.99
C MET B 132 -26.56 17.07 -14.84
N TYR B 133 -27.50 16.19 -14.47
CA TYR B 133 -27.18 14.74 -14.43
C TYR B 133 -26.68 14.26 -15.81
N GLU B 134 -27.37 14.62 -16.88
CA GLU B 134 -26.95 14.18 -18.23
C GLU B 134 -25.53 14.66 -18.53
N GLU B 135 -25.26 15.90 -18.17
CA GLU B 135 -23.91 16.44 -18.41
C GLU B 135 -22.85 15.67 -17.66
N LEU B 136 -23.10 15.44 -16.38
CA LEU B 136 -22.08 14.87 -15.48
C LEU B 136 -21.88 13.35 -15.76
N TYR B 137 -22.95 12.65 -16.13
CA TYR B 137 -22.90 11.22 -16.39
C TYR B 137 -22.43 10.91 -17.81
N TYR B 138 -22.93 11.65 -18.79
CA TYR B 138 -22.61 11.31 -20.19
C TYR B 138 -21.47 12.13 -20.83
N HIS B 139 -21.16 13.29 -20.29
CA HIS B 139 -20.33 14.24 -21.03
C HIS B 139 -19.11 14.79 -20.35
N ARG B 140 -19.06 14.70 -19.04
CA ARG B 140 -18.00 15.43 -18.33
C ARG B 140 -17.05 14.42 -17.64
N SER B 141 -16.80 13.30 -18.33
CA SER B 141 -15.76 12.33 -17.92
C SER B 141 -15.90 11.92 -16.43
N PRO B 142 -17.04 11.29 -16.05
CA PRO B 142 -17.18 10.78 -14.70
C PRO B 142 -16.15 9.69 -14.38
N PHE B 143 -15.94 9.51 -13.06
CA PHE B 143 -14.97 8.50 -12.59
C PHE B 143 -15.73 7.21 -12.30
N ARG B 144 -15.10 6.07 -12.56
CA ARG B 144 -15.69 4.79 -12.11
C ARG B 144 -15.62 4.58 -10.61
N GLY B 145 -16.68 3.97 -10.05
CA GLY B 145 -16.67 3.45 -8.67
C GLY B 145 -15.93 2.12 -8.77
N ASP B 146 -14.61 2.20 -8.65
CA ASP B 146 -13.73 1.09 -8.97
C ASP B 146 -12.84 0.75 -7.78
N ASN B 147 -13.26 1.15 -6.56
CA ASN B 147 -12.49 0.81 -5.36
C ASN B 147 -11.12 1.51 -5.40
N GLY B 148 -11.06 2.67 -6.07
CA GLY B 148 -9.78 3.41 -6.11
C GLY B 148 -10.05 4.90 -6.01
N TRP B 149 -8.99 5.63 -5.72
CA TRP B 149 -9.00 7.11 -5.67
C TRP B 149 -8.76 7.71 -7.02
N HIS B 150 -9.45 8.81 -7.29
CA HIS B 150 -9.20 9.64 -8.48
C HIS B 150 -9.15 11.08 -8.13
N SER B 151 -8.21 11.78 -8.75
CA SER B 151 -7.97 13.19 -8.49
C SER B 151 -8.08 13.98 -9.78
N ARG B 152 -8.64 15.19 -9.67
CA ARG B 152 -8.67 16.06 -10.84
C ARG B 152 -8.80 17.50 -10.39
N GLY B 153 -8.22 18.43 -11.16
CA GLY B 153 -8.45 19.86 -10.89
C GLY B 153 -9.91 20.21 -11.16
N LEU B 154 -10.43 21.20 -10.46
CA LEU B 154 -11.79 21.64 -10.63
C LEU B 154 -11.82 23.01 -11.30
N GLY B 155 -10.66 23.62 -11.51
CA GLY B 155 -10.64 25.05 -11.74
C GLY B 155 -11.01 25.84 -10.47
N TYR B 156 -11.10 27.17 -10.59
CA TYR B 156 -11.56 28.04 -9.49
C TYR B 156 -10.66 27.90 -8.25
N GLY B 157 -9.40 27.53 -8.46
CA GLY B 157 -8.43 27.35 -7.36
C GLY B 157 -8.71 26.08 -6.51
N LEU B 158 -9.50 25.15 -7.06
CA LEU B 158 -9.91 23.89 -6.36
C LEU B 158 -9.49 22.62 -7.07
N LYS B 159 -9.47 21.53 -6.31
CA LYS B 159 -9.27 20.20 -6.89
C LYS B 159 -10.06 19.23 -6.03
N SER B 160 -10.26 18.05 -6.60
CA SER B 160 -11.04 17.00 -5.98
C SER B 160 -10.19 15.74 -5.90
N ARG B 161 -10.44 14.96 -4.83
CA ARG B 161 -9.85 13.63 -4.76
C ARG B 161 -10.95 12.80 -4.11
N GLY B 162 -11.37 11.74 -4.77
CA GLY B 162 -12.54 11.02 -4.27
C GLY B 162 -12.42 9.54 -4.56
N PHE B 163 -13.26 8.77 -3.86
CA PHE B 163 -13.20 7.27 -3.85
C PHE B 163 -14.64 6.80 -3.85
N MET B 164 -14.91 5.75 -4.64
CA MET B 164 -16.21 5.09 -4.58
C MET B 164 -15.96 3.61 -4.82
N ASN B 165 -16.65 2.75 -4.08
CA ASN B 165 -16.53 1.32 -4.32
C ASN B 165 -17.43 0.91 -5.49
N SER B 166 -17.41 -0.40 -5.77
CA SER B 166 -18.00 -0.89 -7.01
C SER B 166 -19.38 -1.55 -6.85
N SER B 167 -19.80 -1.78 -5.60
CA SER B 167 -20.98 -2.63 -5.40
C SER B 167 -22.27 -1.80 -5.14
N GLY B 168 -23.38 -2.51 -4.90
CA GLY B 168 -24.66 -1.82 -4.85
C GLY B 168 -24.91 -1.22 -3.47
N HIS B 169 -24.03 -1.54 -2.52
CA HIS B 169 -24.02 -0.84 -1.25
C HIS B 169 -22.80 0.06 -1.28
N ALA B 170 -23.02 1.29 -1.69
CA ALA B 170 -21.92 2.14 -2.13
C ALA B 170 -21.51 3.15 -1.09
N ILE B 171 -20.19 3.39 -1.01
CA ILE B 171 -19.73 4.59 -0.30
C ILE B 171 -19.04 5.49 -1.30
N LEU B 172 -19.16 6.79 -1.08
CA LEU B 172 -18.56 7.83 -1.97
C LEU B 172 -17.97 8.87 -1.00
N GLU B 173 -16.63 8.96 -0.96
CA GLU B 173 -15.91 9.95 -0.11
C GLU B 173 -15.18 10.88 -1.06
N ILE B 174 -15.44 12.18 -0.91
CA ILE B 174 -14.82 13.20 -1.79
C ILE B 174 -14.21 14.34 -0.93
N HIS B 175 -12.94 14.68 -1.18
CA HIS B 175 -12.31 15.85 -0.57
C HIS B 175 -12.26 16.90 -1.66
N VAL B 176 -12.78 18.09 -1.38
CA VAL B 176 -12.60 19.24 -2.28
C VAL B 176 -11.60 20.19 -1.60
N THR B 177 -10.44 20.39 -2.27
CA THR B 177 -9.30 21.04 -1.61
C THR B 177 -8.78 22.17 -2.48
N LYS B 178 -7.97 23.03 -1.88
CA LYS B 178 -7.34 24.12 -2.62
C LYS B 178 -6.25 23.60 -3.55
N ALA B 179 -6.20 24.13 -4.77
CA ALA B 179 -5.23 23.66 -5.74
C ALA B 179 -3.96 24.35 -5.42
N ASP C 3 5.68 -16.65 6.79
CA ASP C 3 6.72 -15.70 7.25
C ASP C 3 7.28 -16.26 8.55
N VAL C 4 8.10 -17.30 8.40
CA VAL C 4 8.80 -17.89 9.52
C VAL C 4 10.28 -17.74 9.31
N ALA C 5 11.05 -17.75 10.42
CA ALA C 5 12.51 -17.72 10.33
C ALA C 5 12.97 -18.91 9.49
N GLY C 6 13.93 -18.64 8.61
CA GLY C 6 14.44 -19.67 7.66
C GLY C 6 13.85 -19.52 6.26
N ALA C 7 12.78 -18.74 6.16
CA ALA C 7 12.10 -18.56 4.89
C ALA C 7 12.67 -17.41 4.07
N VAL C 8 12.49 -17.49 2.75
CA VAL C 8 12.74 -16.41 1.82
C VAL C 8 11.33 -15.92 1.45
N ILE C 9 11.07 -14.61 1.54
CA ILE C 9 9.77 -14.05 1.24
C ILE C 9 9.91 -12.95 0.19
N ASP C 10 8.80 -12.43 -0.31
CA ASP C 10 8.90 -11.31 -1.19
C ASP C 10 9.61 -10.11 -0.53
N GLY C 11 10.44 -9.41 -1.31
CA GLY C 11 11.22 -8.28 -0.79
C GLY C 11 10.40 -7.26 -0.08
N ALA C 12 9.17 -6.99 -0.54
CA ALA C 12 8.24 -5.99 0.03
C ALA C 12 7.41 -6.51 1.23
N GLY C 13 7.72 -7.74 1.68
CA GLY C 13 6.97 -8.39 2.76
C GLY C 13 7.63 -8.22 4.14
N LEU C 14 8.64 -7.35 4.27
CA LEU C 14 9.04 -6.89 5.58
C LEU C 14 8.09 -5.78 6.03
N GLY C 15 8.48 -4.99 7.03
CA GLY C 15 7.52 -4.06 7.56
C GLY C 15 6.35 -4.78 8.26
N PHE C 16 5.16 -4.20 8.19
CA PHE C 16 4.01 -4.77 8.93
C PHE C 16 4.48 -5.12 10.35
N ASP C 17 4.03 -6.27 10.88
CA ASP C 17 4.47 -6.77 12.21
C ASP C 17 5.24 -8.09 12.05
N VAL C 18 5.95 -8.25 10.92
CA VAL C 18 6.54 -9.56 10.58
C VAL C 18 7.61 -9.99 11.59
N LEU C 19 8.47 -9.07 12.01
CA LEU C 19 9.55 -9.44 12.94
C LEU C 19 9.02 -9.67 14.35
N LYS C 20 7.95 -9.01 14.74
CA LYS C 20 7.33 -9.31 16.05
C LYS C 20 6.81 -10.76 16.06
N THR C 21 6.21 -11.16 14.92
CA THR C 21 5.65 -12.55 14.85
C THR C 21 6.83 -13.56 14.91
N VAL C 22 7.94 -13.26 14.23
CA VAL C 22 9.14 -14.16 14.33
C VAL C 22 9.59 -14.22 15.82
N LEU C 23 9.71 -13.08 16.47
CA LEU C 23 10.10 -13.02 17.86
CA LEU C 23 10.07 -13.04 17.88
C LEU C 23 9.13 -13.87 18.73
N GLU C 24 7.83 -13.76 18.50
CA GLU C 24 6.94 -14.44 19.41
CA GLU C 24 6.82 -14.44 19.32
C GLU C 24 7.01 -15.95 19.22
N ALA C 25 7.40 -16.44 18.04
CA ALA C 25 7.52 -17.89 17.82
C ALA C 25 8.66 -18.52 18.64
N LEU C 26 9.62 -17.70 19.08
CA LEU C 26 10.76 -18.20 19.91
C LEU C 26 10.33 -18.49 21.33
N GLY C 27 9.17 -17.97 21.69
CA GLY C 27 8.65 -18.16 23.05
C GLY C 27 9.50 -17.40 24.08
N ASN C 28 9.44 -17.90 25.30
CA ASN C 28 9.91 -17.24 26.46
C ASN C 28 11.41 -17.49 26.67
N VAL C 29 12.18 -16.57 26.17
CA VAL C 29 13.67 -16.54 26.36
C VAL C 29 13.97 -15.04 26.52
N LYS C 30 14.85 -14.69 27.46
CA LYS C 30 15.04 -13.28 27.89
CA LYS C 30 15.00 -13.28 27.84
C LYS C 30 15.75 -12.41 26.85
N ARG C 31 16.58 -13.03 26.02
CA ARG C 31 17.32 -12.31 24.97
C ARG C 31 17.12 -13.09 23.66
N LYS C 32 16.52 -12.41 22.68
CA LYS C 32 16.25 -13.08 21.39
C LYS C 32 16.14 -12.01 20.33
N ILE C 33 16.29 -12.43 19.08
CA ILE C 33 16.28 -11.49 17.95
C ILE C 33 15.56 -12.10 16.76
N ALA C 34 14.77 -11.26 16.11
CA ALA C 34 14.18 -11.58 14.79
C ALA C 34 14.86 -10.66 13.76
N VAL C 35 15.42 -11.25 12.70
CA VAL C 35 16.18 -10.48 11.72
C VAL C 35 15.46 -10.64 10.37
N GLY C 36 15.26 -9.54 9.65
CA GLY C 36 14.72 -9.60 8.30
C GLY C 36 15.67 -8.80 7.43
N ILE C 37 16.10 -9.36 6.29
CA ILE C 37 17.01 -8.58 5.41
C ILE C 37 16.50 -8.67 3.99
N ASP C 38 16.22 -7.50 3.41
CA ASP C 38 15.61 -7.41 2.09
C ASP C 38 16.74 -7.18 1.05
N ASN C 39 16.87 -8.11 0.12
CA ASN C 39 17.83 -7.98 -0.97
C ASN C 39 17.25 -7.24 -2.17
N GLU C 40 17.52 -5.93 -2.29
CA GLU C 40 17.26 -5.18 -3.53
C GLU C 40 18.58 -4.70 -4.17
N SER C 41 19.61 -5.51 -4.03
CA SER C 41 20.97 -5.18 -4.53
C SER C 41 21.19 -5.40 -6.02
N GLY C 42 20.22 -6.04 -6.68
CA GLY C 42 20.36 -6.41 -8.11
C GLY C 42 21.08 -7.75 -8.27
N LYS C 43 21.70 -8.26 -7.20
CA LYS C 43 22.37 -9.56 -7.37
C LYS C 43 22.05 -10.62 -6.34
N THR C 44 22.19 -11.89 -6.72
CA THR C 44 21.81 -13.00 -5.84
C THR C 44 22.81 -13.17 -4.70
N TRP C 45 22.29 -13.42 -3.49
CA TRP C 45 23.12 -13.81 -2.31
C TRP C 45 23.05 -15.29 -2.04
N THR C 46 24.17 -15.89 -1.65
CA THR C 46 24.25 -17.33 -1.29
C THR C 46 24.78 -17.41 0.14
N ALA C 47 24.08 -18.14 1.02
CA ALA C 47 24.47 -18.14 2.44
C ALA C 47 25.90 -18.67 2.62
N MET C 48 26.69 -17.97 3.44
CA MET C 48 28.03 -18.44 3.76
CA MET C 48 28.03 -18.41 3.75
C MET C 48 28.00 -19.10 5.12
N ASN C 49 27.85 -18.33 6.18
CA ASN C 49 27.82 -18.84 7.55
C ASN C 49 27.36 -17.78 8.54
N THR C 50 27.13 -18.20 9.79
CA THR C 50 26.82 -17.27 10.90
C THR C 50 27.79 -17.54 12.03
N TYR C 51 28.43 -16.48 12.53
CA TYR C 51 29.28 -16.60 13.68
C TYR C 51 28.51 -16.06 14.90
N PHE C 52 28.39 -16.92 15.92
CA PHE C 52 27.81 -16.46 17.19
C PHE C 52 28.88 -16.17 18.26
N ARG C 53 29.03 -14.88 18.58
CA ARG C 53 29.84 -14.41 19.73
C ARG C 53 29.14 -14.81 21.02
N SER C 54 27.82 -14.75 21.01
CA SER C 54 26.98 -15.22 22.15
C SER C 54 25.69 -15.81 21.60
N GLY C 55 25.24 -16.88 22.22
CA GLY C 55 23.91 -17.35 21.85
C GLY C 55 23.96 -18.33 20.69
N THR C 56 22.75 -18.62 20.18
CA THR C 56 22.56 -19.76 19.30
CA THR C 56 22.64 -19.66 19.20
C THR C 56 21.42 -19.45 18.34
N SER C 57 21.31 -20.28 17.31
CA SER C 57 20.10 -20.30 16.48
C SER C 57 19.86 -21.71 16.01
N ASP C 58 18.59 -22.10 15.96
CA ASP C 58 18.20 -23.36 15.36
C ASP C 58 17.82 -23.29 13.89
N ILE C 59 17.95 -22.12 13.30
CA ILE C 59 17.47 -21.84 11.95
C ILE C 59 18.62 -21.96 10.96
N VAL C 60 18.35 -22.59 9.83
CA VAL C 60 19.29 -22.60 8.71
C VAL C 60 19.18 -21.25 7.99
N LEU C 61 20.29 -20.52 7.90
CA LEU C 61 20.34 -19.31 7.09
C LEU C 61 19.78 -19.58 5.71
N PRO C 62 18.74 -18.83 5.29
CA PRO C 62 18.16 -19.02 3.97
C PRO C 62 19.25 -19.14 2.87
N HIS C 63 19.28 -20.26 2.13
CA HIS C 63 20.40 -20.55 1.21
C HIS C 63 20.64 -19.58 0.07
N LYS C 64 19.59 -19.26 -0.70
CA LYS C 64 19.70 -18.41 -1.89
C LYS C 64 18.68 -17.33 -1.71
N VAL C 65 19.13 -16.09 -1.79
CA VAL C 65 18.22 -14.97 -1.66
C VAL C 65 18.37 -14.09 -2.89
N ALA C 66 17.44 -14.24 -3.83
CA ALA C 66 17.52 -13.50 -5.11
C ALA C 66 17.20 -12.04 -4.89
N HIS C 67 17.59 -11.21 -5.84
CA HIS C 67 17.14 -9.82 -5.84
C HIS C 67 15.64 -9.79 -5.79
N GLY C 68 15.09 -8.94 -4.88
CA GLY C 68 13.63 -8.80 -4.78
C GLY C 68 13.03 -9.72 -3.72
N LYS C 69 13.88 -10.43 -3.02
CA LYS C 69 13.47 -11.34 -1.95
C LYS C 69 14.07 -10.87 -0.66
N ALA C 70 13.39 -11.20 0.46
CA ALA C 70 13.93 -10.93 1.81
C ALA C 70 14.07 -12.25 2.55
N LEU C 71 15.04 -12.33 3.44
CA LEU C 71 15.24 -13.54 4.27
C LEU C 71 14.80 -13.22 5.72
N LEU C 72 14.30 -14.24 6.42
CA LEU C 72 13.91 -14.10 7.85
C LEU C 72 14.83 -15.05 8.63
N TYR C 73 15.30 -14.56 9.78
CA TYR C 73 16.25 -15.38 10.56
C TYR C 73 15.98 -15.09 12.04
N ASN C 74 16.62 -15.84 12.95
CA ASN C 74 16.44 -15.54 14.38
C ASN C 74 17.63 -16.07 15.17
N GLY C 75 17.66 -15.74 16.45
CA GLY C 75 18.65 -16.34 17.34
C GLY C 75 18.18 -16.05 18.77
N GLN C 76 18.84 -16.67 19.73
CA GLN C 76 18.44 -16.44 21.13
C GLN C 76 19.69 -16.72 22.00
N LYS C 77 19.64 -16.23 23.25
CA LYS C 77 20.74 -16.58 24.18
C LYS C 77 20.64 -18.05 24.54
N ASN C 78 21.74 -18.60 25.04
CA ASN C 78 21.62 -19.90 25.72
C ASN C 78 20.59 -19.79 26.86
N ARG C 79 19.84 -20.85 27.09
CA ARG C 79 18.79 -20.79 28.10
C ARG C 79 19.34 -20.75 29.53
N GLY C 80 18.56 -20.17 30.45
CA GLY C 80 18.91 -20.17 31.86
C GLY C 80 19.74 -19.01 32.34
N PRO C 81 20.16 -19.07 33.62
CA PRO C 81 20.78 -17.90 34.26
C PRO C 81 22.27 -17.80 33.91
N VAL C 82 22.56 -17.64 32.63
CA VAL C 82 23.97 -17.61 32.11
C VAL C 82 24.50 -16.20 31.84
N ALA C 83 23.61 -15.22 31.98
CA ALA C 83 24.02 -13.77 31.89
C ALA C 83 24.78 -13.43 30.62
N THR C 84 24.26 -13.97 29.52
CA THR C 84 24.78 -13.67 28.18
C THR C 84 23.61 -13.43 27.22
N GLY C 85 23.88 -12.83 26.08
CA GLY C 85 22.81 -12.50 25.15
C GLY C 85 22.95 -13.26 23.82
N VAL C 86 22.57 -12.55 22.76
CA VAL C 86 22.67 -13.12 21.38
C VAL C 86 23.36 -12.11 20.50
N VAL C 87 24.58 -12.45 20.04
CA VAL C 87 25.49 -11.51 19.38
C VAL C 87 26.15 -12.27 18.27
N GLY C 88 26.17 -11.72 17.05
CA GLY C 88 26.61 -12.61 15.95
C GLY C 88 26.81 -11.85 14.64
N VAL C 89 27.31 -12.55 13.64
CA VAL C 89 27.57 -11.95 12.31
C VAL C 89 27.07 -12.95 11.29
N ILE C 90 26.17 -12.48 10.42
CA ILE C 90 25.72 -13.27 9.27
C ILE C 90 26.59 -12.90 8.05
N ALA C 91 27.05 -13.93 7.32
CA ALA C 91 27.76 -13.64 6.05
C ALA C 91 27.07 -14.31 4.88
N TYR C 92 26.84 -13.53 3.84
CA TYR C 92 26.34 -14.01 2.54
C TYR C 92 27.36 -13.72 1.46
N SER C 93 27.53 -14.68 0.58
CA SER C 93 28.36 -14.44 -0.57
CA SER C 93 28.35 -14.49 -0.61
C SER C 93 27.51 -13.76 -1.65
N MET C 94 28.09 -12.74 -2.30
CA MET C 94 27.34 -12.05 -3.34
C MET C 94 27.88 -12.51 -4.67
N SER C 95 27.05 -12.38 -5.72
CA SER C 95 27.40 -13.00 -7.00
C SER C 95 28.57 -12.29 -7.71
N ASP C 96 28.94 -11.11 -7.22
CA ASP C 96 30.12 -10.42 -7.73
C ASP C 96 31.42 -10.92 -7.03
N GLY C 97 31.31 -11.97 -6.20
CA GLY C 97 32.46 -12.46 -5.48
C GLY C 97 32.80 -11.81 -4.13
N ASN C 98 32.04 -10.80 -3.73
CA ASN C 98 32.26 -10.14 -2.44
C ASN C 98 31.34 -10.75 -1.39
N THR C 99 31.48 -10.27 -0.15
CA THR C 99 30.75 -10.82 0.99
C THR C 99 29.94 -9.72 1.66
N LEU C 100 28.64 -9.97 1.84
CA LEU C 100 27.77 -9.08 2.63
C LEU C 100 27.75 -9.58 4.09
N ALA C 101 28.11 -8.70 5.02
CA ALA C 101 28.17 -9.09 6.43
C ALA C 101 27.22 -8.26 7.24
N VAL C 102 26.51 -8.91 8.16
CA VAL C 102 25.56 -8.19 9.03
C VAL C 102 25.82 -8.56 10.49
N LEU C 103 26.08 -7.54 11.32
CA LEU C 103 26.26 -7.69 12.75
C LEU C 103 24.94 -7.46 13.46
N PHE C 104 24.68 -8.28 14.47
CA PHE C 104 23.64 -7.97 15.46
C PHE C 104 24.17 -8.21 16.85
N SER C 105 23.87 -7.32 17.79
CA SER C 105 24.23 -7.60 19.20
C SER C 105 23.05 -7.22 20.10
N VAL C 106 22.60 -8.22 20.88
CA VAL C 106 21.52 -8.05 21.90
C VAL C 106 22.14 -8.54 23.21
N PRO C 107 22.73 -7.63 23.99
CA PRO C 107 23.52 -8.05 25.16
C PRO C 107 22.69 -8.42 26.35
N TYR C 108 23.26 -9.18 27.28
CA TYR C 108 22.52 -9.43 28.49
C TYR C 108 22.37 -8.19 29.37
N ASP C 109 23.47 -7.52 29.65
CA ASP C 109 23.43 -6.54 30.71
C ASP C 109 23.28 -5.12 30.19
N TYR C 110 22.06 -4.57 30.19
CA TYR C 110 21.85 -3.25 29.64
C TYR C 110 22.36 -2.11 30.54
N ASN C 111 22.80 -2.43 31.73
CA ASN C 111 23.52 -1.42 32.54
C ASN C 111 24.85 -1.04 31.87
N TRP C 112 25.42 -1.96 31.09
CA TRP C 112 26.75 -1.72 30.52
C TRP C 112 26.76 -1.66 29.01
N TYR C 113 25.84 -2.38 28.37
CA TYR C 113 25.85 -2.55 26.89
C TYR C 113 24.51 -2.18 26.29
N SER C 114 24.50 -1.98 24.96
CA SER C 114 23.26 -1.73 24.26
C SER C 114 23.14 -2.60 23.02
N ASN C 115 21.93 -2.61 22.44
CA ASN C 115 21.76 -3.25 21.13
C ASN C 115 22.56 -2.48 20.07
N TRP C 116 23.16 -3.22 19.14
CA TRP C 116 23.88 -2.65 17.99
C TRP C 116 23.64 -3.51 16.78
N TRP C 117 23.81 -2.89 15.62
CA TRP C 117 23.85 -3.66 14.37
C TRP C 117 24.79 -2.97 13.38
N ASN C 118 25.16 -3.69 12.30
CA ASN C 118 25.97 -3.09 11.25
C ASN C 118 25.83 -3.89 9.98
N VAL C 119 26.22 -3.25 8.86
CA VAL C 119 26.18 -3.90 7.57
C VAL C 119 27.43 -3.41 6.85
N ARG C 120 28.12 -4.33 6.19
CA ARG C 120 29.34 -4.00 5.46
C ARG C 120 29.57 -4.98 4.31
N VAL C 121 30.10 -4.49 3.20
CA VAL C 121 30.55 -5.33 2.09
C VAL C 121 32.03 -5.49 2.25
N TYR C 122 32.46 -6.75 2.36
CA TYR C 122 33.87 -7.12 2.32
C TYR C 122 34.29 -7.55 0.94
N LYS C 123 35.45 -7.07 0.49
CA LYS C 123 36.02 -7.49 -0.78
C LYS C 123 36.35 -8.98 -0.77
N GLY C 124 35.89 -9.73 -1.76
CA GLY C 124 36.24 -11.16 -1.82
C GLY C 124 35.42 -11.98 -0.83
N GLN C 125 35.84 -13.25 -0.72
CA GLN C 125 35.13 -14.27 0.06
C GLN C 125 35.67 -14.29 1.46
N LYS C 126 34.82 -13.97 2.42
CA LYS C 126 35.23 -13.85 3.83
C LYS C 126 34.19 -14.54 4.70
N ARG C 127 34.61 -15.46 5.56
CA ARG C 127 33.78 -16.15 6.53
CA ARG C 127 33.72 -16.12 6.52
C ARG C 127 33.46 -15.26 7.73
N ALA C 128 32.23 -15.35 8.27
CA ALA C 128 31.92 -14.69 9.54
C ALA C 128 32.69 -15.36 10.66
N ASP C 129 33.38 -14.59 11.49
CA ASP C 129 34.19 -15.14 12.59
C ASP C 129 34.46 -14.06 13.66
N GLN C 130 35.21 -14.43 14.69
CA GLN C 130 35.48 -13.43 15.74
C GLN C 130 36.14 -12.16 15.24
N ARG C 131 37.13 -12.26 14.33
CA ARG C 131 37.76 -11.03 13.78
C ARG C 131 36.71 -10.11 13.11
N MET C 132 35.85 -10.69 12.29
CA MET C 132 34.83 -9.92 11.60
C MET C 132 33.87 -9.25 12.59
N TYR C 133 33.43 -10.01 13.60
CA TYR C 133 32.65 -9.42 14.70
C TYR C 133 33.38 -8.22 15.33
N GLU C 134 34.66 -8.40 15.67
CA GLU C 134 35.40 -7.27 16.28
C GLU C 134 35.43 -6.08 15.34
N GLU C 135 35.61 -6.32 14.03
CA GLU C 135 35.65 -5.22 13.09
C GLU C 135 34.32 -4.48 13.03
N LEU C 136 33.22 -5.22 12.92
CA LEU C 136 31.90 -4.61 12.74
C LEU C 136 31.43 -3.94 14.01
N TYR C 137 31.79 -4.53 15.17
CA TYR C 137 31.26 -3.98 16.47
C TYR C 137 32.10 -2.82 17.00
N TYR C 138 33.44 -2.92 16.88
CA TYR C 138 34.34 -1.91 17.41
C TYR C 138 34.93 -0.92 16.40
N HIS C 139 35.18 -1.36 15.18
CA HIS C 139 35.98 -0.54 14.27
C HIS C 139 35.15 0.22 13.24
N ARG C 140 33.99 -0.34 12.85
CA ARG C 140 33.27 0.14 11.64
C ARG C 140 31.97 0.88 11.93
N SER C 141 31.92 1.56 13.09
CA SER C 141 30.83 2.48 13.44
C SER C 141 29.43 1.82 13.31
N PRO C 142 29.15 0.81 14.14
CA PRO C 142 27.82 0.22 14.15
C PRO C 142 26.73 1.24 14.52
N PHE C 143 25.48 0.91 14.17
CA PHE C 143 24.35 1.73 14.53
C PHE C 143 23.75 1.22 15.79
N ARG C 144 23.34 2.11 16.65
CA ARG C 144 22.72 1.67 17.89
C ARG C 144 21.29 1.15 17.59
N GLY C 145 20.90 0.10 18.29
CA GLY C 145 19.48 -0.34 18.35
C GLY C 145 18.77 0.66 19.23
N ASP C 146 18.29 1.72 18.59
CA ASP C 146 17.74 2.91 19.26
C ASP C 146 16.31 3.21 18.84
N ASN C 147 15.63 2.25 18.23
CA ASN C 147 14.22 2.47 17.77
C ASN C 147 14.17 3.55 16.66
N GLY C 148 15.25 3.56 15.87
CA GLY C 148 15.43 4.56 14.80
C GLY C 148 15.99 3.91 13.55
N TRP C 149 15.72 4.58 12.46
CA TRP C 149 16.29 4.18 11.17
C TRP C 149 17.64 4.78 11.00
N HIS C 150 18.51 4.04 10.35
CA HIS C 150 19.81 4.62 9.92
C HIS C 150 20.16 4.10 8.54
N SER C 151 20.88 4.95 7.80
CA SER C 151 21.32 4.57 6.43
C SER C 151 22.80 4.85 6.24
N ARG C 152 23.46 4.04 5.41
CA ARG C 152 24.83 4.38 4.98
C ARG C 152 25.11 3.71 3.61
N GLY C 153 25.94 4.34 2.82
CA GLY C 153 26.37 3.71 1.59
C GLY C 153 27.37 2.60 1.95
N LEU C 154 27.38 1.57 1.12
CA LEU C 154 28.21 0.39 1.36
C LEU C 154 29.40 0.35 0.41
N GLY C 155 29.50 1.30 -0.52
CA GLY C 155 30.34 1.13 -1.70
C GLY C 155 29.72 0.08 -2.61
N TYR C 156 30.41 -0.27 -3.69
CA TYR C 156 29.96 -1.32 -4.62
C TYR C 156 28.61 -1.01 -5.23
N GLY C 157 28.26 0.27 -5.28
CA GLY C 157 26.99 0.73 -5.82
C GLY C 157 25.78 0.45 -4.96
N LEU C 158 25.99 0.10 -3.67
CA LEU C 158 24.92 -0.37 -2.78
C LEU C 158 24.79 0.55 -1.60
N LYS C 159 23.62 0.53 -0.96
CA LYS C 159 23.44 1.22 0.30
C LYS C 159 22.59 0.34 1.19
N SER C 160 22.69 0.63 2.49
CA SER C 160 22.00 -0.11 3.54
CA SER C 160 21.95 -0.11 3.49
C SER C 160 21.10 0.88 4.28
N ARG C 161 19.91 0.43 4.67
CA ARG C 161 19.08 1.20 5.59
C ARG C 161 18.48 0.19 6.56
N GLY C 162 18.48 0.47 7.86
CA GLY C 162 17.97 -0.54 8.79
C GLY C 162 17.44 0.06 10.06
N PHE C 163 16.67 -0.73 10.80
CA PHE C 163 15.99 -0.29 11.98
C PHE C 163 16.18 -1.38 13.01
N MET C 164 16.52 -1.01 14.25
CA MET C 164 16.58 -2.02 15.31
C MET C 164 16.00 -1.39 16.56
N ASN C 165 15.25 -2.15 17.34
CA ASN C 165 14.75 -1.61 18.61
C ASN C 165 15.83 -1.75 19.68
N SER C 166 15.48 -1.37 20.91
CA SER C 166 16.49 -1.24 21.99
C SER C 166 16.42 -2.33 23.08
N SER C 167 15.41 -3.18 22.99
CA SER C 167 15.17 -4.11 24.11
CA SER C 167 14.92 -4.18 23.93
C SER C 167 15.71 -5.52 23.82
N GLY C 168 15.61 -6.31 24.87
CA GLY C 168 16.17 -7.66 24.88
C GLY C 168 15.32 -8.59 24.02
N HIS C 169 14.12 -8.19 23.64
CA HIS C 169 13.39 -8.88 22.58
C HIS C 169 13.54 -8.05 21.36
N ALA C 170 14.53 -8.38 20.55
CA ALA C 170 15.03 -7.46 19.53
C ALA C 170 14.50 -7.74 18.16
N ILE C 171 14.26 -6.66 17.40
CA ILE C 171 13.95 -6.76 15.95
C ILE C 171 15.01 -6.01 15.20
N LEU C 172 15.39 -6.55 14.05
CA LEU C 172 16.38 -5.91 13.19
C LEU C 172 15.93 -6.10 11.76
N GLU C 173 15.62 -4.98 11.09
CA GLU C 173 15.16 -5.01 9.70
C GLU C 173 16.11 -4.19 8.85
N ILE C 174 16.65 -4.78 7.78
CA ILE C 174 17.63 -4.12 6.95
C ILE C 174 17.21 -4.26 5.49
N HIS C 175 17.40 -3.17 4.73
CA HIS C 175 17.15 -3.18 3.28
C HIS C 175 18.44 -2.83 2.57
N VAL C 176 18.91 -3.71 1.65
CA VAL C 176 20.12 -3.40 0.90
C VAL C 176 19.64 -3.06 -0.50
N THR C 177 19.95 -1.84 -0.96
CA THR C 177 19.43 -1.32 -2.23
C THR C 177 20.57 -0.80 -3.08
N LYS C 178 20.25 -0.47 -4.33
CA LYS C 178 21.19 0.16 -5.22
C LYS C 178 21.37 1.64 -4.83
N ALA C 179 22.61 2.11 -4.87
CA ALA C 179 22.91 3.45 -4.40
C ALA C 179 22.37 4.48 -5.38
N ALA D 2 7.57 -19.68 -10.83
CA ALA D 2 8.09 -20.75 -11.70
C ALA D 2 7.67 -20.39 -13.11
N ASP D 3 8.24 -21.05 -14.09
CA ASP D 3 7.89 -20.66 -15.43
C ASP D 3 6.69 -21.49 -15.88
N VAL D 4 5.56 -21.27 -15.19
CA VAL D 4 4.30 -21.88 -15.60
C VAL D 4 3.30 -20.82 -16.02
N ALA D 5 2.39 -21.19 -16.91
CA ALA D 5 1.36 -20.26 -17.36
C ALA D 5 0.57 -19.85 -16.10
N GLY D 6 0.20 -18.57 -15.98
CA GLY D 6 -0.50 -18.10 -14.77
C GLY D 6 0.44 -17.39 -13.81
N ALA D 7 1.75 -17.56 -14.01
CA ALA D 7 2.74 -16.98 -13.11
C ALA D 7 3.15 -15.62 -13.58
N VAL D 8 3.70 -14.87 -12.64
CA VAL D 8 4.37 -13.62 -12.91
C VAL D 8 5.83 -13.90 -12.60
N ILE D 9 6.73 -13.53 -13.50
CA ILE D 9 8.16 -13.81 -13.31
C ILE D 9 8.95 -12.50 -13.44
N ASP D 10 10.27 -12.51 -13.16
CA ASP D 10 11.09 -11.33 -13.43
CA ASP D 10 11.07 -11.32 -13.44
C ASP D 10 11.03 -10.99 -14.92
N GLY D 11 10.98 -9.70 -15.24
CA GLY D 11 10.86 -9.22 -16.61
C GLY D 11 11.95 -9.70 -17.55
N ALA D 12 13.17 -9.83 -17.03
CA ALA D 12 14.33 -10.28 -17.77
C ALA D 12 14.34 -11.81 -17.92
N GLY D 13 13.34 -12.46 -17.35
CA GLY D 13 13.23 -13.92 -17.39
C GLY D 13 12.49 -14.46 -18.62
N LEU D 14 11.92 -13.61 -19.49
CA LEU D 14 11.47 -14.13 -20.80
C LEU D 14 12.71 -14.51 -21.70
N GLY D 15 12.57 -14.74 -22.98
CA GLY D 15 13.71 -15.29 -23.68
C GLY D 15 13.97 -16.75 -23.24
N PHE D 16 15.21 -17.10 -23.27
CA PHE D 16 15.67 -18.46 -23.01
C PHE D 16 14.75 -19.40 -23.76
N ASP D 17 14.29 -20.45 -23.11
CA ASP D 17 13.32 -21.40 -23.70
C ASP D 17 11.99 -21.38 -22.93
N VAL D 18 11.65 -20.24 -22.35
CA VAL D 18 10.51 -20.19 -21.41
C VAL D 18 9.18 -20.52 -22.08
N LEU D 19 8.93 -19.96 -23.25
CA LEU D 19 7.61 -20.17 -23.91
C LEU D 19 7.50 -21.60 -24.44
N LYS D 20 8.61 -22.24 -24.86
CA LYS D 20 8.53 -23.64 -25.30
C LYS D 20 8.14 -24.54 -24.11
N THR D 21 8.65 -24.18 -22.92
CA THR D 21 8.36 -24.97 -21.74
C THR D 21 6.85 -24.85 -21.49
N VAL D 22 6.31 -23.64 -21.53
CA VAL D 22 4.86 -23.42 -21.34
C VAL D 22 4.10 -24.22 -22.42
N LEU D 23 4.55 -24.15 -23.68
CA LEU D 23 3.85 -24.88 -24.74
C LEU D 23 3.80 -26.39 -24.51
N GLU D 24 4.94 -26.92 -24.09
CA GLU D 24 5.04 -28.37 -23.89
C GLU D 24 4.17 -28.83 -22.76
N ALA D 25 3.93 -27.97 -21.76
CA ALA D 25 3.12 -28.37 -20.60
C ALA D 25 1.68 -28.64 -21.03
N LEU D 26 1.25 -28.06 -22.14
CA LEU D 26 -0.14 -28.29 -22.64
C LEU D 26 -0.37 -29.65 -23.30
N GLY D 27 0.68 -30.39 -23.62
CA GLY D 27 0.47 -31.74 -24.20
C GLY D 27 0.10 -31.66 -25.68
N ASN D 28 -0.46 -32.74 -26.25
CA ASN D 28 -0.45 -32.90 -27.70
C ASN D 28 -1.72 -32.38 -28.35
N VAL D 29 -2.05 -31.14 -28.07
CA VAL D 29 -3.22 -30.48 -28.70
C VAL D 29 -2.69 -29.80 -30.02
N LYS D 30 -3.47 -29.83 -31.09
CA LYS D 30 -2.92 -29.49 -32.39
C LYS D 30 -2.77 -28.00 -32.61
N ARG D 31 -3.55 -27.20 -31.91
CA ARG D 31 -3.36 -25.73 -31.94
C ARG D 31 -3.29 -25.21 -30.52
N LYS D 32 -2.22 -24.48 -30.21
CA LYS D 32 -2.06 -24.01 -28.80
C LYS D 32 -1.06 -22.86 -28.82
N ILE D 33 -1.05 -22.10 -27.75
CA ILE D 33 -0.18 -20.89 -27.74
C ILE D 33 0.36 -20.70 -26.32
N ALA D 34 1.63 -20.31 -26.26
CA ALA D 34 2.26 -19.84 -25.00
C ALA D 34 2.54 -18.39 -25.18
N VAL D 35 2.09 -17.58 -24.22
CA VAL D 35 2.23 -16.12 -24.36
C VAL D 35 3.02 -15.60 -23.19
N GLY D 36 3.97 -14.69 -23.46
CA GLY D 36 4.73 -14.06 -22.36
C GLY D 36 4.76 -12.58 -22.68
N ILE D 37 4.44 -11.76 -21.69
CA ILE D 37 4.39 -10.29 -21.88
C ILE D 37 5.18 -9.64 -20.76
N ASP D 38 6.23 -8.92 -21.14
CA ASP D 38 7.11 -8.26 -20.19
C ASP D 38 6.63 -6.82 -20.02
N ASN D 39 6.26 -6.48 -18.77
CA ASN D 39 5.89 -5.11 -18.45
C ASN D 39 7.09 -4.26 -18.04
N GLU D 40 7.62 -3.46 -18.99
CA GLU D 40 8.61 -2.43 -18.63
C GLU D 40 8.05 -1.03 -18.85
N SER D 41 6.74 -0.90 -18.63
CA SER D 41 6.01 0.36 -18.97
C SER D 41 6.09 1.46 -17.94
N GLY D 42 6.58 1.11 -16.75
CA GLY D 42 6.65 2.02 -15.59
C GLY D 42 5.32 2.12 -14.89
N LYS D 43 4.33 1.32 -15.33
CA LYS D 43 2.96 1.31 -14.74
C LYS D 43 2.56 -0.12 -14.35
N THR D 44 1.93 -0.29 -13.17
CA THR D 44 1.36 -1.60 -12.81
C THR D 44 0.16 -1.94 -13.71
N TRP D 45 0.09 -3.21 -14.11
CA TRP D 45 -1.09 -3.69 -14.85
C TRP D 45 -1.96 -4.56 -13.99
N THR D 46 -3.28 -4.49 -14.19
CA THR D 46 -4.22 -5.29 -13.45
C THR D 46 -5.09 -6.00 -14.47
N ALA D 47 -5.19 -7.33 -14.36
CA ALA D 47 -5.94 -8.13 -15.35
C ALA D 47 -7.41 -7.66 -15.43
N MET D 48 -7.88 -7.54 -16.66
CA MET D 48 -9.28 -7.28 -16.93
CA MET D 48 -9.28 -7.28 -16.94
C MET D 48 -9.98 -8.57 -17.36
N ASN D 49 -9.73 -9.03 -18.58
CA ASN D 49 -10.37 -10.26 -19.07
C ASN D 49 -9.68 -10.79 -20.33
N THR D 50 -10.09 -11.98 -20.77
CA THR D 50 -9.62 -12.52 -22.06
C THR D 50 -10.85 -12.90 -22.86
N TYR D 51 -10.91 -12.46 -24.11
CA TYR D 51 -11.96 -12.85 -25.00
C TYR D 51 -11.40 -13.88 -25.95
N PHE D 52 -12.12 -14.99 -26.12
CA PHE D 52 -11.71 -16.00 -27.09
C PHE D 52 -12.67 -16.03 -28.30
N ARG D 53 -12.14 -15.70 -29.48
CA ARG D 53 -12.89 -15.92 -30.72
C ARG D 53 -12.89 -17.42 -31.07
N SER D 54 -11.78 -18.09 -30.74
CA SER D 54 -11.68 -19.54 -30.94
C SER D 54 -10.84 -20.09 -29.78
N GLY D 55 -11.29 -21.24 -29.27
CA GLY D 55 -10.45 -21.90 -28.26
C GLY D 55 -10.72 -21.43 -26.86
N THR D 56 -9.82 -21.84 -25.97
CA THR D 56 -10.02 -21.53 -24.57
CA THR D 56 -10.05 -21.76 -24.52
C THR D 56 -8.71 -21.58 -23.78
N SER D 57 -8.79 -21.27 -22.50
CA SER D 57 -7.64 -21.38 -21.62
C SER D 57 -8.14 -21.77 -20.25
N ASP D 58 -7.38 -22.63 -19.57
CA ASP D 58 -7.65 -22.95 -18.16
C ASP D 58 -6.94 -22.00 -17.21
N ILE D 59 -6.20 -21.02 -17.70
CA ILE D 59 -5.30 -20.27 -16.89
C ILE D 59 -5.99 -18.98 -16.44
N VAL D 60 -5.81 -18.62 -15.19
CA VAL D 60 -6.19 -17.32 -14.73
C VAL D 60 -5.12 -16.31 -15.14
N LEU D 61 -5.57 -15.30 -15.86
CA LEU D 61 -4.67 -14.20 -16.22
C LEU D 61 -3.99 -13.66 -14.98
N PRO D 62 -2.65 -13.61 -14.98
CA PRO D 62 -1.97 -13.10 -13.79
C PRO D 62 -2.56 -11.71 -13.38
N HIS D 63 -3.02 -11.61 -12.13
CA HIS D 63 -3.84 -10.49 -11.69
C HIS D 63 -3.13 -9.16 -11.63
N LYS D 64 -1.94 -9.11 -11.02
CA LYS D 64 -1.16 -7.87 -10.93
C LYS D 64 0.19 -8.10 -11.54
N VAL D 65 0.59 -7.25 -12.48
CA VAL D 65 1.90 -7.38 -13.14
C VAL D 65 2.58 -5.99 -13.00
N ALA D 66 3.50 -5.88 -12.04
CA ALA D 66 4.21 -4.63 -11.74
C ALA D 66 5.23 -4.36 -12.85
N HIS D 67 5.67 -3.11 -12.95
CA HIS D 67 6.82 -2.77 -13.77
C HIS D 67 8.00 -3.63 -13.40
N GLY D 68 8.64 -4.21 -14.40
CA GLY D 68 9.80 -5.06 -14.15
C GLY D 68 9.40 -6.50 -13.99
N LYS D 69 8.13 -6.81 -14.23
CA LYS D 69 7.67 -8.22 -14.23
C LYS D 69 7.07 -8.63 -15.56
N ALA D 70 7.09 -9.95 -15.82
CA ALA D 70 6.48 -10.53 -17.01
C ALA D 70 5.42 -11.55 -16.63
N LEU D 71 4.36 -11.59 -17.40
CA LEU D 71 3.29 -12.54 -17.15
C LEU D 71 3.39 -13.72 -18.16
N LEU D 72 3.04 -14.91 -17.75
CA LEU D 72 2.95 -16.09 -18.66
C LEU D 72 1.48 -16.56 -18.74
N TYR D 73 1.09 -17.01 -19.94
CA TYR D 73 -0.30 -17.39 -20.16
C TYR D 73 -0.30 -18.43 -21.26
N ASN D 74 -1.43 -19.10 -21.46
CA ASN D 74 -1.55 -20.07 -22.56
C ASN D 74 -2.98 -20.15 -23.04
N GLY D 75 -3.18 -20.79 -24.19
CA GLY D 75 -4.54 -21.12 -24.65
C GLY D 75 -4.40 -22.29 -25.62
N GLN D 76 -5.53 -22.91 -25.93
CA GLN D 76 -5.52 -24.05 -26.87
C GLN D 76 -6.87 -24.13 -27.59
N LYS D 77 -6.91 -24.86 -28.70
CA LYS D 77 -8.16 -25.04 -29.46
C LYS D 77 -9.08 -25.90 -28.59
N ASN D 78 -10.39 -25.82 -28.86
CA ASN D 78 -11.31 -26.84 -28.33
C ASN D 78 -10.82 -28.22 -28.77
N ARG D 79 -11.07 -29.27 -27.96
CA ARG D 79 -10.47 -30.55 -28.30
C ARG D 79 -11.21 -31.29 -29.40
N GLY D 80 -10.52 -32.21 -30.06
CA GLY D 80 -11.20 -33.09 -31.01
C GLY D 80 -11.27 -32.46 -32.39
N PRO D 81 -11.92 -33.16 -33.33
CA PRO D 81 -12.10 -32.65 -34.69
C PRO D 81 -13.14 -31.49 -34.67
N VAL D 82 -12.61 -30.27 -34.69
CA VAL D 82 -13.40 -29.04 -34.61
C VAL D 82 -12.97 -28.07 -35.72
N ALA D 83 -11.76 -28.28 -36.26
CA ALA D 83 -11.19 -27.45 -37.38
C ALA D 83 -11.22 -25.96 -37.06
N THR D 84 -10.84 -25.67 -35.80
CA THR D 84 -10.72 -24.28 -35.29
C THR D 84 -9.46 -24.21 -34.46
N GLY D 85 -8.98 -22.96 -34.24
CA GLY D 85 -7.70 -22.71 -33.61
C GLY D 85 -7.83 -22.06 -32.24
N VAL D 86 -6.86 -21.22 -31.91
CA VAL D 86 -6.93 -20.47 -30.66
C VAL D 86 -6.67 -19.00 -31.01
N VAL D 87 -7.68 -18.18 -30.80
CA VAL D 87 -7.71 -16.80 -31.33
C VAL D 87 -8.36 -15.97 -30.23
N GLY D 88 -7.76 -14.86 -29.82
CA GLY D 88 -8.37 -14.06 -28.77
C GLY D 88 -7.64 -12.78 -28.46
N VAL D 89 -8.13 -12.07 -27.43
CA VAL D 89 -7.57 -10.79 -27.01
C VAL D 89 -7.48 -10.78 -25.53
N ILE D 90 -6.30 -10.45 -25.01
CA ILE D 90 -6.09 -10.25 -23.57
C ILE D 90 -6.23 -8.74 -23.27
N ALA D 91 -6.97 -8.34 -22.21
CA ALA D 91 -6.97 -6.91 -21.84
C ALA D 91 -6.47 -6.77 -20.41
N TYR D 92 -5.49 -5.88 -20.21
CA TYR D 92 -5.05 -5.45 -18.87
C TYR D 92 -5.36 -3.99 -18.68
N SER D 93 -5.83 -3.64 -17.48
CA SER D 93 -5.95 -2.21 -17.17
CA SER D 93 -5.95 -2.22 -17.09
C SER D 93 -4.57 -1.74 -16.67
N MET D 94 -4.21 -0.54 -17.08
CA MET D 94 -2.93 0.04 -16.63
C MET D 94 -3.27 1.13 -15.59
N SER D 95 -2.30 1.48 -14.74
CA SER D 95 -2.62 2.33 -13.56
C SER D 95 -2.98 3.76 -13.98
N ASP D 96 -2.79 4.10 -15.27
CA ASP D 96 -3.20 5.42 -15.75
C ASP D 96 -4.65 5.43 -16.19
N GLY D 97 -5.33 4.30 -16.05
CA GLY D 97 -6.76 4.21 -16.40
C GLY D 97 -6.98 3.79 -17.84
N ASN D 98 -5.91 3.53 -18.55
CA ASN D 98 -6.02 3.04 -19.95
C ASN D 98 -5.96 1.51 -20.02
N THR D 99 -6.16 0.97 -21.21
CA THR D 99 -6.18 -0.49 -21.42
C THR D 99 -5.09 -0.93 -22.36
N LEU D 100 -4.35 -1.97 -21.97
CA LEU D 100 -3.37 -2.61 -22.83
C LEU D 100 -4.05 -3.86 -23.42
N ALA D 101 -4.15 -3.91 -24.75
CA ALA D 101 -4.85 -5.01 -25.44
C ALA D 101 -3.86 -5.80 -26.29
N VAL D 102 -3.93 -7.13 -26.19
CA VAL D 102 -3.04 -8.01 -26.98
C VAL D 102 -3.86 -9.02 -27.74
N LEU D 103 -3.73 -9.01 -29.06
CA LEU D 103 -4.39 -10.01 -29.92
C LEU D 103 -3.40 -11.15 -30.22
N PHE D 104 -3.92 -12.37 -30.25
CA PHE D 104 -3.22 -13.54 -30.83
C PHE D 104 -4.22 -14.29 -31.71
N SER D 105 -3.71 -14.75 -32.85
CA SER D 105 -4.52 -15.63 -33.74
C SER D 105 -3.66 -16.77 -34.21
N VAL D 106 -4.07 -18.00 -33.84
CA VAL D 106 -3.41 -19.26 -34.24
C VAL D 106 -4.52 -20.04 -34.95
N PRO D 107 -4.64 -19.88 -36.26
CA PRO D 107 -5.81 -20.47 -36.94
C PRO D 107 -5.67 -21.95 -37.20
N TYR D 108 -6.79 -22.58 -37.54
CA TYR D 108 -6.70 -23.98 -37.91
C TYR D 108 -6.14 -24.19 -39.32
N ASP D 109 -6.71 -23.49 -40.31
CA ASP D 109 -6.41 -23.78 -41.71
C ASP D 109 -5.37 -22.83 -42.27
N TYR D 110 -4.13 -23.28 -42.33
CA TYR D 110 -3.05 -22.44 -42.86
C TYR D 110 -3.06 -22.28 -44.38
N ASN D 111 -3.95 -22.98 -45.10
CA ASN D 111 -4.13 -22.71 -46.52
C ASN D 111 -4.73 -21.32 -46.71
N TRP D 112 -5.51 -20.87 -45.72
CA TRP D 112 -6.32 -19.65 -45.86
CA TRP D 112 -6.24 -19.61 -45.92
C TRP D 112 -5.83 -18.52 -44.99
N TYR D 113 -5.35 -18.90 -43.81
CA TYR D 113 -5.04 -17.93 -42.74
C TYR D 113 -3.65 -18.15 -42.23
N SER D 114 -3.17 -17.14 -41.48
CA SER D 114 -1.83 -17.22 -40.85
C SER D 114 -1.87 -16.82 -39.38
N ASN D 115 -0.76 -17.06 -38.66
CA ASN D 115 -0.69 -16.58 -37.28
C ASN D 115 -0.59 -15.07 -37.34
N TRP D 116 -1.23 -14.38 -36.40
CA TRP D 116 -1.09 -12.89 -36.29
C TRP D 116 -1.08 -12.52 -34.83
N TRP D 117 -0.54 -11.32 -34.51
CA TRP D 117 -0.68 -10.75 -33.17
C TRP D 117 -0.79 -9.26 -33.27
N ASN D 118 -1.13 -8.59 -32.17
CA ASN D 118 -1.13 -7.13 -32.17
C ASN D 118 -1.10 -6.63 -30.73
N VAL D 119 -0.73 -5.37 -30.56
CA VAL D 119 -0.74 -4.77 -29.21
C VAL D 119 -1.20 -3.34 -29.41
N ARG D 120 -2.09 -2.89 -28.56
CA ARG D 120 -2.60 -1.50 -28.64
C ARG D 120 -2.92 -0.99 -27.23
N VAL D 121 -2.73 0.32 -27.02
CA VAL D 121 -3.27 0.97 -25.84
C VAL D 121 -4.56 1.65 -26.24
N TYR D 122 -5.65 1.26 -25.58
CA TYR D 122 -6.92 1.96 -25.72
C TYR D 122 -7.05 2.99 -24.61
N LYS D 123 -7.57 4.16 -24.96
CA LYS D 123 -7.91 5.19 -24.00
C LYS D 123 -9.04 4.65 -23.11
N GLY D 124 -8.85 4.73 -21.80
CA GLY D 124 -9.89 4.33 -20.85
C GLY D 124 -9.95 2.83 -20.62
N GLN D 125 -10.99 2.38 -19.94
CA GLN D 125 -11.17 0.94 -19.64
C GLN D 125 -12.07 0.33 -20.72
N LYS D 126 -11.52 -0.60 -21.50
CA LYS D 126 -12.23 -1.26 -22.61
C LYS D 126 -12.04 -2.77 -22.38
N ARG D 127 -13.12 -3.53 -22.25
CA ARG D 127 -12.94 -4.95 -22.05
C ARG D 127 -12.67 -5.66 -23.38
N ALA D 128 -11.95 -6.76 -23.35
CA ALA D 128 -11.77 -7.57 -24.54
C ALA D 128 -13.09 -8.20 -24.95
N ASP D 129 -13.40 -8.10 -26.24
CA ASP D 129 -14.64 -8.66 -26.78
C ASP D 129 -14.48 -8.78 -28.29
N GLN D 130 -15.53 -9.28 -28.96
CA GLN D 130 -15.46 -9.45 -30.43
CA GLN D 130 -15.54 -9.42 -30.41
C GLN D 130 -15.16 -8.13 -31.14
N ARG D 131 -15.78 -7.00 -30.72
CA ARG D 131 -15.45 -5.72 -31.39
C ARG D 131 -13.93 -5.43 -31.32
N MET D 132 -13.31 -5.62 -30.14
CA MET D 132 -11.86 -5.40 -30.00
C MET D 132 -11.03 -6.37 -30.83
N TYR D 133 -11.45 -7.64 -30.82
CA TYR D 133 -10.81 -8.62 -31.71
C TYR D 133 -10.86 -8.12 -33.17
N GLU D 134 -12.07 -7.67 -33.63
CA GLU D 134 -12.21 -7.28 -35.05
C GLU D 134 -11.33 -6.05 -35.31
N GLU D 135 -11.26 -5.11 -34.34
CA GLU D 135 -10.43 -3.90 -34.54
C GLU D 135 -8.94 -4.28 -34.67
N LEU D 136 -8.49 -5.17 -33.79
CA LEU D 136 -7.06 -5.51 -33.71
C LEU D 136 -6.62 -6.41 -34.89
N TYR D 137 -7.53 -7.30 -35.32
CA TYR D 137 -7.18 -8.24 -36.39
C TYR D 137 -7.37 -7.64 -37.77
N TYR D 138 -8.44 -6.85 -37.98
CA TYR D 138 -8.70 -6.41 -39.34
C TYR D 138 -8.27 -4.97 -39.56
N HIS D 139 -8.18 -4.15 -38.51
CA HIS D 139 -8.11 -2.66 -38.70
C HIS D 139 -6.89 -1.97 -38.21
N ARG D 140 -6.15 -2.58 -37.32
CA ARG D 140 -5.01 -1.84 -36.71
C ARG D 140 -3.63 -2.48 -37.07
N SER D 141 -3.52 -3.02 -38.28
CA SER D 141 -2.21 -3.51 -38.86
C SER D 141 -1.48 -4.49 -37.96
N PRO D 142 -2.12 -5.63 -37.71
CA PRO D 142 -1.45 -6.63 -36.92
C PRO D 142 -0.15 -7.09 -37.57
N PHE D 143 0.69 -7.73 -36.74
CA PHE D 143 1.97 -8.26 -37.19
C PHE D 143 1.77 -9.74 -37.50
N ARG D 144 2.42 -10.22 -38.53
CA ARG D 144 2.37 -11.64 -38.89
CA ARG D 144 2.32 -11.63 -38.83
C ARG D 144 3.22 -12.45 -37.92
N GLY D 145 2.72 -13.61 -37.54
CA GLY D 145 3.56 -14.61 -36.80
C GLY D 145 4.45 -15.24 -37.83
N ASP D 146 5.64 -14.66 -38.01
CA ASP D 146 6.52 -14.99 -39.11
C ASP D 146 7.90 -15.37 -38.63
N ASN D 147 7.96 -15.82 -37.38
CA ASN D 147 9.25 -16.16 -36.76
C ASN D 147 10.17 -14.94 -36.78
N GLY D 148 9.59 -13.72 -36.62
CA GLY D 148 10.39 -12.49 -36.68
C GLY D 148 9.92 -11.52 -35.60
N TRP D 149 10.84 -10.64 -35.24
CA TRP D 149 10.56 -9.49 -34.37
C TRP D 149 9.90 -8.35 -35.12
N HIS D 150 8.94 -7.72 -34.44
CA HIS D 150 8.39 -6.42 -34.93
C HIS D 150 8.24 -5.48 -33.81
N SER D 151 8.49 -4.18 -34.10
CA SER D 151 8.29 -3.12 -33.07
C SER D 151 7.39 -2.00 -33.61
N ARG D 152 6.66 -1.35 -32.72
CA ARG D 152 5.89 -0.16 -33.10
C ARG D 152 5.60 0.70 -31.86
N GLY D 153 5.54 2.02 -32.04
CA GLY D 153 5.18 2.90 -30.92
C GLY D 153 3.72 2.65 -30.60
N LEU D 154 3.38 2.79 -29.32
CA LEU D 154 2.02 2.64 -28.86
C LEU D 154 1.34 3.96 -28.50
N GLY D 155 2.05 5.07 -28.60
CA GLY D 155 1.58 6.31 -27.94
C GLY D 155 1.80 6.14 -26.43
N TYR D 156 1.40 7.17 -25.66
CA TYR D 156 1.46 7.12 -24.17
C TYR D 156 2.88 6.92 -23.69
N GLY D 157 3.84 7.31 -24.53
CA GLY D 157 5.26 7.19 -24.22
C GLY D 157 5.71 5.74 -24.17
N LEU D 158 4.96 4.84 -24.84
CA LEU D 158 5.29 3.39 -24.80
C LEU D 158 5.56 2.84 -26.18
N LYS D 159 6.27 1.71 -26.24
CA LYS D 159 6.38 0.98 -27.49
C LYS D 159 6.33 -0.51 -27.21
N SER D 160 5.99 -1.23 -28.26
CA SER D 160 5.82 -2.70 -28.23
CA SER D 160 5.86 -2.69 -28.19
C SER D 160 6.92 -3.34 -29.08
N ARG D 161 7.48 -4.47 -28.65
CA ARG D 161 8.39 -5.23 -29.51
C ARG D 161 8.01 -6.66 -29.24
N GLY D 162 7.74 -7.43 -30.28
CA GLY D 162 7.25 -8.80 -30.02
C GLY D 162 7.67 -9.76 -31.12
N PHE D 163 7.58 -11.04 -30.78
CA PHE D 163 8.01 -12.11 -31.67
C PHE D 163 6.99 -13.20 -31.64
N MET D 164 6.54 -13.68 -32.79
CA MET D 164 5.63 -14.83 -32.80
C MET D 164 6.11 -15.80 -33.88
N ASN D 165 6.08 -17.10 -33.59
CA ASN D 165 6.36 -18.06 -34.66
C ASN D 165 5.14 -18.24 -35.60
N SER D 166 5.31 -19.08 -36.61
CA SER D 166 4.30 -19.23 -37.72
C SER D 166 3.47 -20.51 -37.57
N SER D 167 3.82 -21.32 -36.59
CA SER D 167 3.31 -22.66 -36.44
C SER D 167 2.02 -22.76 -35.60
N GLY D 168 1.34 -23.90 -35.72
CA GLY D 168 0.14 -24.14 -34.91
C GLY D 168 0.47 -24.42 -33.45
N HIS D 169 1.74 -24.75 -33.16
CA HIS D 169 2.30 -24.77 -31.80
C HIS D 169 3.03 -23.44 -31.61
N ALA D 170 2.28 -22.47 -31.12
CA ALA D 170 2.65 -21.05 -31.24
C ALA D 170 3.30 -20.49 -30.00
N ILE D 171 4.26 -19.60 -30.22
CA ILE D 171 4.81 -18.81 -29.14
C ILE D 171 4.58 -17.34 -29.47
N LEU D 172 4.32 -16.52 -28.45
CA LEU D 172 4.17 -15.06 -28.65
C LEU D 172 4.84 -14.40 -27.43
N GLU D 173 5.92 -13.66 -27.70
CA GLU D 173 6.66 -12.94 -26.65
C GLU D 173 6.58 -11.47 -26.95
N ILE D 174 6.15 -10.67 -25.96
CA ILE D 174 5.96 -9.24 -26.17
C ILE D 174 6.64 -8.47 -25.07
N HIS D 175 7.31 -7.37 -25.42
CA HIS D 175 7.93 -6.49 -24.44
C HIS D 175 7.35 -5.12 -24.61
N VAL D 176 6.80 -4.60 -23.52
CA VAL D 176 6.21 -3.23 -23.51
C VAL D 176 7.21 -2.33 -22.76
N THR D 177 7.83 -1.38 -23.48
CA THR D 177 8.89 -0.56 -22.88
C THR D 177 8.63 0.94 -23.07
N LYS D 178 9.42 1.78 -22.42
CA LYS D 178 9.28 3.25 -22.57
C LYS D 178 9.81 3.65 -23.95
N ALA D 179 9.04 4.46 -24.70
CA ALA D 179 9.44 4.85 -26.09
C ALA D 179 10.75 5.61 -26.06
P1 PC E . 6.03 6.58 33.71
O1 PC E . 7.10 6.56 34.84
O3 PC E . 6.59 5.89 32.50
O4 PC E . 4.74 6.28 34.17
O2 PC E . 5.81 8.13 33.32
C1 PC E . 6.97 8.86 32.83
C2 PC E . 7.13 10.31 33.39
N1 PC E . 5.87 11.06 33.17
C3 PC E . 5.26 11.05 31.85
C4 PC E . 6.22 12.45 33.47
C5 PC E . 4.80 10.63 34.13
P1 PC F . 0.87 15.51 34.56
O1 PC F . 2.33 15.31 34.38
O3 PC F . -0.04 14.37 34.20
O4 PC F . 0.65 16.05 36.04
O2 PC F . 0.32 16.74 33.68
C1 PC F . 0.74 18.10 33.98
C2 PC F . 0.51 18.92 32.74
N1 PC F . 1.56 18.83 31.68
C3 PC F . 1.29 19.92 30.68
C4 PC F . 1.47 17.51 31.03
C5 PC F . 2.95 18.99 32.22
P1 PC G . 4.85 13.97 41.25
O1 PC G . 5.14 15.13 42.11
O3 PC G . 3.35 13.79 40.92
O4 PC G . 5.88 13.80 40.18
O2 PC G . 5.05 12.68 42.27
C1 PC G . 4.52 11.39 41.91
C2 PC G . 5.13 10.20 42.61
N1 PC G . 6.51 9.87 42.35
C3 PC G . 6.83 8.73 43.27
C4 PC G . 7.46 10.96 42.58
C5 PC G . 6.68 9.38 40.96
S SO4 H . 11.61 25.39 16.25
O1 SO4 H . 10.62 26.32 15.67
O2 SO4 H . 13.00 25.88 16.23
O3 SO4 H . 11.43 24.22 15.36
O4 SO4 H . 11.26 25.01 17.64
S SO4 I . -5.19 -0.17 35.79
O1 SO4 I . -4.21 0.18 36.87
O2 SO4 I . -5.91 1.10 35.47
O3 SO4 I . -6.10 -1.22 36.32
O4 SO4 I . -4.54 -0.72 34.57
C1 GOL J . -4.65 15.81 36.11
O1 GOL J . -5.70 14.99 36.63
C2 GOL J . -3.45 15.97 37.04
O2 GOL J . -2.77 17.22 36.76
C3 GOL J . -2.50 14.83 36.78
O3 GOL J . -2.41 14.54 35.35
P1 PC K . -31.17 2.61 -12.71
O1 PC K . -31.65 3.38 -11.54
O3 PC K . -30.56 1.36 -12.32
O4 PC K . -32.28 2.38 -13.76
O2 PC K . -29.95 3.40 -13.37
C1 PC K . -28.98 2.75 -14.22
C2 PC K . -28.58 3.40 -15.54
N1 PC K . -28.58 4.86 -15.60
C3 PC K . -27.62 5.43 -14.61
C4 PC K . -29.92 5.45 -15.35
C5 PC K . -28.10 5.27 -16.94
P1 PC L . -22.48 2.93 -18.31
O1 PC L . -22.32 2.20 -17.00
O3 PC L . -23.72 3.76 -18.53
O4 PC L . -22.43 1.98 -19.55
O2 PC L . -21.20 3.83 -18.52
C1 PC L . -20.77 4.29 -19.78
C2 PC L . -19.83 5.48 -19.61
N1 PC L . -20.46 6.77 -19.14
C3 PC L . -20.88 6.71 -17.72
C4 PC L . -21.61 7.23 -19.96
C5 PC L . -19.43 7.83 -19.29
S SO4 M . -20.13 25.75 -16.93
O1 SO4 M . -20.24 26.36 -15.60
O2 SO4 M . -18.71 25.33 -17.14
O3 SO4 M . -20.79 24.44 -17.10
O4 SO4 M . -20.72 26.79 -17.76
S SO4 N . -13.28 4.84 -18.52
O1 SO4 N . -13.95 6.15 -18.77
O2 SO4 N . -11.87 4.97 -18.90
O3 SO4 N . -13.34 4.51 -17.06
O4 SO4 N . -13.92 3.77 -19.36
C ACT O . -15.78 36.47 -12.44
O ACT O . -16.33 37.24 -11.62
OXT ACT O . -16.11 36.44 -13.65
CH3 ACT O . -14.64 35.62 -11.95
P1 PC P . 26.95 -10.75 26.24
O1 PC P . 28.06 -11.23 27.16
O3 PC P . 26.53 -11.80 25.30
O4 PC P . 25.88 -10.08 27.06
O2 PC P . 27.63 -9.63 25.28
C1 PC P . 27.57 -8.25 25.71
C2 PC P . 28.74 -7.28 25.30
N1 PC P . 29.49 -7.59 24.06
C3 PC P . 30.55 -6.60 23.84
C4 PC P . 28.56 -7.64 22.87
C5 PC P . 30.18 -8.92 24.21
S SO4 Q . 34.48 -8.98 23.07
O1 SO4 Q . 33.41 -8.13 22.46
O2 SO4 Q . 35.67 -8.14 23.14
O3 SO4 Q . 34.69 -10.18 22.30
O4 SO4 Q . 34.03 -9.25 24.44
S SO4 R . 15.85 -17.67 29.90
O1 SO4 R . 16.35 -17.34 31.22
O2 SO4 R . 16.50 -16.74 28.87
O3 SO4 R . 16.07 -19.09 29.51
O4 SO4 R . 14.39 -17.41 29.86
S SO4 S . 37.87 -4.81 2.83
O1 SO4 S . 37.81 -4.18 4.17
O2 SO4 S . 37.89 -3.81 1.74
O3 SO4 S . 36.73 -5.68 2.49
O4 SO4 S . 39.04 -5.70 2.87
P1 PC T . -10.26 -20.50 -36.76
O1 PC T . -10.28 -20.52 -35.28
O3 PC T . -11.63 -20.85 -37.36
O4 PC T . -9.19 -21.20 -37.44
O2 PC T . -9.94 -18.98 -37.15
C1 PC T . -10.83 -17.93 -36.66
C2 PC T . -11.09 -16.79 -37.70
N1 PC T . -9.86 -16.23 -38.30
C3 PC T . -10.17 -14.97 -39.01
C4 PC T . -9.31 -17.17 -39.29
C5 PC T . -8.83 -15.95 -37.29
P1 PC U . -5.59 -13.64 -42.92
O1 PC U . -4.56 -14.60 -42.39
O3 PC U . -5.92 -13.82 -44.42
O4 PC U . -6.83 -13.54 -42.10
O2 PC U . -4.82 -12.20 -42.91
C1 PC U . -5.32 -11.00 -43.52
C2 PC U . -4.67 -9.70 -43.05
N1 PC U . -5.25 -9.20 -41.78
C3 PC U . -6.74 -9.04 -41.87
C4 PC U . -4.61 -7.90 -41.43
C5 PC U . -4.95 -10.18 -40.69
S SO4 V . -14.39 -13.55 -38.01
O1 SO4 V . -15.24 -13.28 -36.87
O2 SO4 V . -13.20 -12.70 -38.02
O3 SO4 V . -14.97 -13.25 -39.30
O4 SO4 V . -14.15 -14.98 -38.14
S SO4 W . -6.71 -32.22 -30.70
O1 SO4 W . -6.29 -30.90 -31.20
O2 SO4 W . -5.48 -32.80 -30.03
O3 SO4 W . -7.69 -32.15 -29.58
O4 SO4 W . -7.07 -32.97 -31.91
S SO4 X . 4.35 -27.72 -37.10
O1 SO4 X . 4.94 -26.36 -37.16
O2 SO4 X . 5.23 -28.70 -36.43
O3 SO4 X . 4.03 -28.21 -38.48
O4 SO4 X . 3.11 -27.62 -36.29
S SO4 Y . -8.77 5.11 -28.73
O1 SO4 Y . -8.24 6.48 -28.52
O2 SO4 Y . -8.17 4.20 -27.75
O3 SO4 Y . -8.51 4.60 -30.09
O4 SO4 Y . -10.23 5.16 -28.51
S SO4 Z . 11.35 8.02 -17.09
O1 SO4 Z . 11.16 9.38 -16.55
O2 SO4 Z . 12.68 7.51 -16.64
O3 SO4 Z . 10.27 7.12 -16.62
O4 SO4 Z . 11.31 8.05 -18.57
C ACT AA . -3.06 -34.66 -24.54
O ACT AA . -3.83 -34.02 -23.83
OXT ACT AA . -3.47 -35.10 -25.62
CH3 ACT AA . -1.64 -34.89 -24.08
#